data_5NPW
#
_entry.id   5NPW
#
_cell.length_a   200.860
_cell.length_b   75.990
_cell.length_c   142.440
_cell.angle_alpha   90.000
_cell.angle_beta   131.410
_cell.angle_gamma   90.000
#
_symmetry.space_group_name_H-M   'C 1 2 1'
#
loop_
_entity.id
_entity.type
_entity.pdbx_description
1 polymer 'Autophagy protein 5'
2 polymer 'Autophagy-related protein 16-1'
3 water water
#
loop_
_entity_poly.entity_id
_entity_poly.type
_entity_poly.pdbx_seq_one_letter_code
_entity_poly.pdbx_strand_id
1 'polypeptide(L)'
;GAHMSGRMTDDKDVLRDVWFGRIPTCFTLYQDEITEREAEPYYLLLPRVSYLTLVTDKVKKHFQKVMRQEDISEIWFEYE
GTPLKWHYPIGLLFDLLASSSALPWNITVHFKSFPEKDLLHCPSKDAIEAHFMSCMKEADALKHKSQVINEMQKKDHKQL
WMGLQNDRFDQFWAINRKLMEYPAEENGFRYIPFRIYQTTTERPFIQKLFRPVAADGQLHTLGDLLKEVCPSAIDPEDGE
KKNQVMIHGIEPMLETPLQWLSEHLSYPDNFLHISIIPQPTD
;
A,C,E,G
2 'polypeptide(L)'
;GGGRPRWKRHISEQLRRRDRLQRQAFEEIILQYNKLLEKSDLHSVLAQKLQAEKHDVPNRHEISPGHDGTWNDNQLQEMA
QLRIKHQEELTELHKKRGELAQLVIDLNNQMQRKDREMQMNEAKIAECLQTISDLETECLDLRTKLCDLERANQTLKDEY
DALQITFTALEGKLRKTTEENQELVTRWMAEKAQEANRLNAENEKDSRRRQARLQKELAEAAKEPLPVEQDDDIEVIVDE
TSDHTEETSPVRAISRAATKRLSQPAGGLLDSITNIFGRRSVSSFPVPQDNVDTHPGSGKE
;
B,D,F,H
#
# COMPACT_ATOMS: atom_id res chain seq x y z
N ASP A 11 -8.50 -15.11 -9.59
CA ASP A 11 -7.06 -14.89 -9.50
C ASP A 11 -6.61 -14.72 -8.06
N LYS A 12 -7.44 -15.20 -7.12
CA LYS A 12 -7.08 -15.15 -5.71
C LYS A 12 -5.80 -15.92 -5.42
N ASP A 13 -5.49 -16.92 -6.24
CA ASP A 13 -4.27 -17.70 -6.04
C ASP A 13 -3.02 -16.85 -6.26
N VAL A 14 -3.07 -15.91 -7.20
CA VAL A 14 -1.93 -15.02 -7.41
C VAL A 14 -1.72 -14.11 -6.21
N LEU A 15 -2.82 -13.59 -5.64
CA LEU A 15 -2.70 -12.70 -4.48
C LEU A 15 -2.01 -13.39 -3.32
N ARG A 16 -2.38 -14.64 -3.04
CA ARG A 16 -1.74 -15.37 -1.95
C ARG A 16 -0.27 -15.62 -2.26
N ASP A 17 0.03 -16.07 -3.49
CA ASP A 17 1.43 -16.30 -3.86
C ASP A 17 2.27 -15.04 -3.69
N VAL A 18 1.72 -13.89 -4.06
CA VAL A 18 2.45 -12.63 -3.91
C VAL A 18 2.53 -12.25 -2.44
N TRP A 19 1.44 -12.41 -1.69
CA TRP A 19 1.40 -12.00 -0.30
C TRP A 19 2.33 -12.83 0.57
N PHE A 20 2.39 -14.14 0.34
CA PHE A 20 3.12 -15.06 1.21
C PHE A 20 4.56 -15.32 0.77
N GLY A 21 5.05 -14.63 -0.25
CA GLY A 21 6.43 -14.82 -0.66
C GLY A 21 7.39 -14.51 0.47
N ARG A 22 8.43 -15.35 0.60
CA ARG A 22 9.44 -15.20 1.63
C ARG A 22 10.82 -15.20 1.01
N ILE A 23 11.73 -14.46 1.64
CA ILE A 23 13.12 -14.34 1.20
C ILE A 23 14.04 -14.87 2.31
N PRO A 24 14.83 -15.92 2.07
CA PRO A 24 15.81 -16.35 3.08
C PRO A 24 16.90 -15.31 3.26
N THR A 25 17.17 -14.96 4.52
CA THR A 25 18.03 -13.84 4.85
C THR A 25 18.99 -14.24 5.97
N CYS A 26 20.21 -13.71 5.92
CA CYS A 26 21.23 -13.97 6.93
C CYS A 26 21.64 -12.64 7.54
N PHE A 27 21.34 -12.46 8.84
CA PHE A 27 21.68 -11.26 9.58
C PHE A 27 22.95 -11.50 10.38
N THR A 28 24.03 -10.78 10.03
CA THR A 28 25.31 -10.86 10.71
C THR A 28 25.67 -9.51 11.30
N LEU A 29 26.17 -9.51 12.54
CA LEU A 29 26.54 -8.28 13.20
C LEU A 29 27.82 -7.68 12.61
N TYR A 30 27.83 -6.37 12.46
CA TYR A 30 28.99 -5.67 11.92
C TYR A 30 30.22 -5.99 12.75
N GLN A 31 31.36 -6.14 12.07
CA GLN A 31 32.54 -6.69 12.71
C GLN A 31 33.17 -5.73 13.70
N ASP A 32 33.04 -4.42 13.47
CA ASP A 32 33.63 -3.44 14.37
C ASP A 32 32.83 -3.23 15.64
N GLU A 33 31.59 -3.68 15.70
CA GLU A 33 30.82 -3.54 16.92
C GLU A 33 31.44 -4.40 18.02
N ILE A 34 31.65 -3.81 19.19
CA ILE A 34 32.27 -4.52 20.30
C ILE A 34 31.19 -5.20 21.13
N THR A 35 31.36 -6.48 21.38
CA THR A 35 30.36 -7.29 22.07
C THR A 35 31.00 -7.99 23.27
N GLU A 36 30.16 -8.33 24.24
CA GLU A 36 30.64 -9.05 25.42
C GLU A 36 30.90 -10.53 25.12
N ARG A 37 30.16 -11.12 24.18
CA ARG A 37 30.35 -12.50 23.79
C ARG A 37 30.13 -12.64 22.29
N GLU A 38 30.32 -13.85 21.78
CA GLU A 38 30.14 -14.11 20.37
C GLU A 38 28.66 -14.01 19.97
N ALA A 39 28.41 -13.37 18.83
CA ALA A 39 27.06 -13.16 18.31
C ALA A 39 26.87 -14.08 17.11
N GLU A 40 26.01 -15.08 17.25
CA GLU A 40 25.77 -15.99 16.14
C GLU A 40 24.86 -15.32 15.10
N PRO A 41 25.03 -15.66 13.83
CA PRO A 41 24.14 -15.08 12.82
C PRO A 41 22.70 -15.52 13.06
N TYR A 42 21.76 -14.65 12.71
CA TYR A 42 20.35 -14.92 12.90
C TYR A 42 19.73 -15.11 11.52
N TYR A 43 19.26 -16.33 11.24
CA TYR A 43 18.65 -16.66 9.97
C TYR A 43 17.14 -16.49 10.07
N LEU A 44 16.55 -15.85 9.05
CA LEU A 44 15.13 -15.52 9.08
C LEU A 44 14.57 -15.45 7.67
N LEU A 45 13.30 -15.83 7.54
CA LEU A 45 12.55 -15.68 6.29
C LEU A 45 11.79 -14.36 6.35
N LEU A 46 12.14 -13.43 5.47
CA LEU A 46 11.52 -12.11 5.50
C LEU A 46 10.30 -12.06 4.57
N PRO A 47 9.18 -11.50 5.00
CA PRO A 47 8.05 -11.30 4.07
C PRO A 47 8.42 -10.28 2.99
N ARG A 48 8.15 -10.64 1.74
CA ARG A 48 8.46 -9.74 0.64
C ARG A 48 7.64 -8.46 0.73
N VAL A 49 6.42 -8.54 1.25
CA VAL A 49 5.50 -7.38 1.21
C VAL A 49 5.60 -6.51 2.45
N SER A 50 6.30 -6.93 3.48
CA SER A 50 6.40 -6.15 4.70
C SER A 50 7.65 -5.27 4.64
N TYR A 51 8.01 -4.67 5.76
CA TYR A 51 9.15 -3.76 5.85
C TYR A 51 10.15 -4.29 6.88
N LEU A 52 11.41 -3.92 6.68
CA LEU A 52 12.47 -4.45 7.54
C LEU A 52 12.22 -4.12 9.00
N THR A 53 12.00 -2.85 9.31
CA THR A 53 11.81 -2.44 10.70
C THR A 53 10.65 -3.17 11.37
N LEU A 54 9.71 -3.70 10.60
CA LEU A 54 8.52 -4.32 11.17
C LEU A 54 8.81 -5.73 11.70
N VAL A 55 9.49 -6.56 10.90
CA VAL A 55 9.61 -7.98 11.17
C VAL A 55 10.91 -8.35 11.87
N THR A 56 11.75 -7.37 12.20
CA THR A 56 13.09 -7.61 12.72
C THR A 56 13.16 -7.60 14.24
N ASP A 57 12.02 -7.51 14.94
CA ASP A 57 12.06 -7.44 16.40
C ASP A 57 12.87 -8.58 17.00
N LYS A 58 12.76 -9.79 16.45
CA LYS A 58 13.54 -10.90 16.98
C LYS A 58 15.03 -10.69 16.75
N VAL A 59 15.39 -10.08 15.62
CA VAL A 59 16.80 -9.80 15.33
C VAL A 59 17.35 -8.78 16.33
N LYS A 60 16.61 -7.70 16.55
CA LYS A 60 17.06 -6.65 17.45
C LYS A 60 17.34 -7.19 18.85
N LYS A 61 16.41 -8.00 19.38
CA LYS A 61 16.60 -8.55 20.71
C LYS A 61 17.77 -9.53 20.75
N HIS A 62 18.00 -10.26 19.65
CA HIS A 62 19.08 -11.23 19.64
C HIS A 62 20.43 -10.55 19.75
N PHE A 63 20.67 -9.52 18.92
CA PHE A 63 21.96 -8.84 18.91
C PHE A 63 22.12 -7.83 20.02
N GLN A 64 21.03 -7.37 20.64
CA GLN A 64 21.13 -6.44 21.77
C GLN A 64 21.56 -7.11 23.05
N LYS A 65 21.40 -8.43 23.16
CA LYS A 65 21.81 -9.13 24.38
C LYS A 65 23.32 -9.17 24.54
N VAL A 66 24.07 -9.11 23.43
CA VAL A 66 25.52 -9.27 23.45
C VAL A 66 26.28 -7.95 23.53
N MET A 67 25.58 -6.83 23.64
CA MET A 67 26.24 -5.53 23.63
C MET A 67 25.98 -4.77 24.93
N ARG A 68 26.89 -3.84 25.22
CA ARG A 68 26.75 -2.97 26.38
C ARG A 68 25.85 -1.78 26.06
N GLN A 69 25.09 -1.35 27.06
CA GLN A 69 24.15 -0.25 26.85
C GLN A 69 24.84 0.99 26.29
N GLU A 70 26.12 1.17 26.60
CA GLU A 70 26.85 2.33 26.10
C GLU A 70 26.92 2.33 24.58
N ASP A 71 26.95 1.16 23.96
CA ASP A 71 27.05 1.02 22.51
C ASP A 71 25.70 0.84 21.83
N ILE A 72 24.60 0.78 22.57
CA ILE A 72 23.29 0.53 21.99
C ILE A 72 22.74 1.83 21.41
N SER A 73 22.14 1.74 20.23
CA SER A 73 21.57 2.88 19.54
C SER A 73 20.48 2.37 18.60
N GLU A 74 20.05 3.22 17.66
CA GLU A 74 18.99 2.85 16.73
C GLU A 74 19.54 1.92 15.66
N ILE A 75 19.04 0.68 15.66
CA ILE A 75 19.52 -0.32 14.71
C ILE A 75 19.20 0.09 13.29
N TRP A 76 20.13 -0.18 12.38
CA TRP A 76 19.92 0.01 10.95
C TRP A 76 20.64 -1.11 10.20
N PHE A 77 20.19 -1.33 8.96
CA PHE A 77 20.64 -2.48 8.17
C PHE A 77 21.36 -2.00 6.91
N GLU A 78 22.25 -2.85 6.41
CA GLU A 78 23.08 -2.52 5.26
C GLU A 78 23.39 -3.78 4.46
N TYR A 79 23.47 -3.63 3.14
CA TYR A 79 23.83 -4.70 2.22
C TYR A 79 24.96 -4.23 1.33
N GLU A 80 26.12 -4.89 1.44
CA GLU A 80 27.28 -4.57 0.60
C GLU A 80 27.60 -3.08 0.62
N GLY A 81 27.68 -2.53 1.83
CA GLY A 81 28.01 -1.13 2.01
C GLY A 81 26.88 -0.16 1.73
N THR A 82 25.71 -0.65 1.34
CA THR A 82 24.58 0.21 1.04
C THR A 82 23.58 0.14 2.18
N PRO A 83 23.24 1.24 2.84
CA PRO A 83 22.19 1.16 3.87
C PRO A 83 20.85 0.86 3.22
N LEU A 84 20.12 -0.10 3.81
CA LEU A 84 18.84 -0.51 3.26
C LEU A 84 17.76 0.42 3.77
N LYS A 85 16.99 1.01 2.85
CA LYS A 85 15.91 1.91 3.23
C LYS A 85 14.74 1.07 3.70
N TRP A 86 14.36 1.24 4.97
CA TRP A 86 13.31 0.40 5.55
C TRP A 86 11.95 0.73 4.97
N HIS A 87 11.74 1.98 4.55
CA HIS A 87 10.44 2.35 3.98
C HIS A 87 10.23 1.77 2.59
N TYR A 88 11.23 1.12 2.00
CA TYR A 88 10.99 0.36 0.79
C TYR A 88 10.60 -1.08 1.15
N PRO A 89 9.69 -1.71 0.42
CA PRO A 89 9.33 -3.10 0.75
C PRO A 89 10.53 -4.03 0.65
N ILE A 90 10.55 -5.05 1.52
CA ILE A 90 11.67 -5.98 1.57
C ILE A 90 11.89 -6.61 0.21
N GLY A 91 10.82 -7.08 -0.43
CA GLY A 91 10.95 -7.71 -1.72
C GLY A 91 11.62 -6.80 -2.74
N LEU A 92 11.31 -5.52 -2.70
CA LEU A 92 11.93 -4.58 -3.63
C LEU A 92 13.42 -4.47 -3.39
N LEU A 93 13.83 -4.25 -2.14
CA LEU A 93 15.24 -4.13 -1.83
C LEU A 93 16.01 -5.35 -2.31
N PHE A 94 15.45 -6.55 -2.12
CA PHE A 94 16.15 -7.76 -2.54
C PHE A 94 16.20 -7.87 -4.06
N ASP A 95 15.04 -7.77 -4.73
CA ASP A 95 15.03 -7.83 -6.18
C ASP A 95 16.03 -6.85 -6.79
N LEU A 96 16.11 -5.64 -6.21
CA LEU A 96 16.91 -4.58 -6.80
C LEU A 96 18.40 -4.74 -6.53
N LEU A 97 18.78 -5.27 -5.36
CA LEU A 97 20.17 -5.31 -4.93
C LEU A 97 20.75 -6.72 -4.95
N ALA A 98 20.21 -7.63 -4.15
CA ALA A 98 20.84 -8.92 -3.92
C ALA A 98 20.32 -10.03 -4.83
N SER A 99 19.41 -9.72 -5.75
CA SER A 99 18.79 -10.79 -6.55
C SER A 99 19.82 -11.58 -7.35
N SER A 100 20.89 -10.92 -7.80
CA SER A 100 21.89 -11.59 -8.63
C SER A 100 22.90 -12.38 -7.83
N SER A 101 22.97 -12.18 -6.51
CA SER A 101 23.96 -12.85 -5.69
C SER A 101 23.41 -14.16 -5.15
N ALA A 102 24.26 -14.90 -4.42
CA ALA A 102 23.86 -16.19 -3.88
C ALA A 102 23.04 -16.01 -2.61
N LEU A 103 22.03 -16.85 -2.44
CA LEU A 103 21.24 -16.85 -1.23
C LEU A 103 22.10 -17.38 -0.09
N PRO A 104 21.71 -17.08 1.16
CA PRO A 104 20.63 -16.16 1.55
C PRO A 104 21.07 -14.70 1.41
N TRP A 105 20.09 -13.81 1.43
CA TRP A 105 20.39 -12.38 1.46
C TRP A 105 21.23 -12.07 2.69
N ASN A 106 22.37 -11.44 2.47
CA ASN A 106 23.32 -11.14 3.56
C ASN A 106 23.13 -9.69 3.97
N ILE A 107 22.56 -9.47 5.15
CA ILE A 107 22.34 -8.15 5.69
C ILE A 107 23.21 -8.01 6.93
N THR A 108 23.91 -6.88 7.02
CA THR A 108 24.76 -6.59 8.17
C THR A 108 24.02 -5.67 9.14
N VAL A 109 24.12 -6.00 10.42
CA VAL A 109 23.43 -5.24 11.46
C VAL A 109 24.39 -4.21 12.03
N HIS A 110 23.96 -2.95 12.03
CA HIS A 110 24.75 -1.84 12.56
C HIS A 110 23.97 -1.18 13.68
N PHE A 111 24.58 -1.06 14.85
CA PHE A 111 24.04 -0.24 15.93
C PHE A 111 24.72 1.11 16.05
N LYS A 112 25.73 1.41 15.25
CA LYS A 112 26.54 2.60 15.44
C LYS A 112 26.75 3.32 14.10
N SER A 113 26.99 4.62 14.18
CA SER A 113 27.23 5.47 13.02
C SER A 113 26.06 5.39 12.04
N PHE A 114 24.93 5.92 12.51
CA PHE A 114 23.72 5.93 11.71
C PHE A 114 23.90 6.85 10.50
N PRO A 115 23.61 6.32 9.14
CA PRO A 115 23.72 7.17 7.95
C PRO A 115 22.54 8.13 7.82
N GLU A 116 22.63 9.26 8.54
CA GLU A 116 21.55 10.22 8.56
C GLU A 116 21.10 10.62 7.16
N LYS A 117 22.02 10.64 6.20
CA LYS A 117 21.69 11.15 4.87
C LYS A 117 20.82 10.18 4.08
N ASP A 118 21.11 8.88 4.18
CA ASP A 118 20.48 7.88 3.31
C ASP A 118 19.29 7.16 3.95
N LEU A 119 18.96 7.46 5.20
CA LEU A 119 17.95 6.65 5.90
C LEU A 119 16.97 7.54 6.66
N LEU A 120 15.79 6.98 6.91
CA LEU A 120 14.80 7.58 7.79
C LEU A 120 14.80 6.88 9.14
N HIS A 121 14.81 7.67 10.21
CA HIS A 121 14.71 7.10 11.54
C HIS A 121 13.35 6.43 11.72
N CYS A 122 13.37 5.20 12.25
CA CYS A 122 12.16 4.43 12.52
C CYS A 122 12.06 4.25 14.04
N PRO A 123 11.57 5.24 14.77
CA PRO A 123 11.57 5.15 16.23
C PRO A 123 10.57 4.15 16.79
N SER A 124 9.47 3.89 16.10
CA SER A 124 8.43 3.02 16.63
C SER A 124 7.64 2.41 15.48
N LYS A 125 6.77 1.47 15.83
CA LYS A 125 5.88 0.87 14.83
C LYS A 125 4.96 1.91 14.21
N ASP A 126 4.58 2.93 14.97
CA ASP A 126 3.69 3.97 14.43
C ASP A 126 4.33 4.69 13.25
N ALA A 127 5.64 4.91 13.29
CA ALA A 127 6.29 5.58 12.17
C ALA A 127 6.19 4.77 10.89
N ILE A 128 6.11 3.44 11.01
CA ILE A 128 5.94 2.60 9.83
C ILE A 128 4.50 2.68 9.33
N GLU A 129 3.53 2.60 10.25
CA GLU A 129 2.13 2.74 9.87
C GLU A 129 1.88 4.11 9.22
N ALA A 130 2.54 5.15 9.73
CA ALA A 130 2.37 6.47 9.16
C ALA A 130 2.85 6.50 7.71
N HIS A 131 4.04 5.98 7.46
CA HIS A 131 4.56 5.94 6.09
C HIS A 131 3.70 5.03 5.21
N PHE A 132 3.26 3.90 5.76
CA PHE A 132 2.45 2.95 4.98
C PHE A 132 1.14 3.58 4.54
N MET A 133 0.39 4.17 5.47
CA MET A 133 -0.89 4.78 5.11
C MET A 133 -0.71 5.91 4.11
N SER A 134 0.41 6.64 4.19
CA SER A 134 0.69 7.67 3.20
C SER A 134 0.74 7.07 1.80
N CYS A 135 1.42 5.92 1.66
CA CYS A 135 1.52 5.28 0.35
C CYS A 135 0.15 4.85 -0.16
N MET A 136 -0.73 4.41 0.74
CA MET A 136 -2.08 4.04 0.31
C MET A 136 -2.86 5.26 -0.15
N LYS A 137 -2.83 6.33 0.64
CA LYS A 137 -3.53 7.55 0.27
C LYS A 137 -3.05 8.08 -1.08
N GLU A 138 -1.73 8.07 -1.30
CA GLU A 138 -1.20 8.51 -2.59
C GLU A 138 -1.68 7.62 -3.72
N ALA A 139 -1.85 6.33 -3.46
CA ALA A 139 -2.33 5.41 -4.50
C ALA A 139 -3.80 5.66 -4.83
N ASP A 140 -4.66 5.72 -3.81
CA ASP A 140 -6.07 5.95 -4.05
C ASP A 140 -6.35 7.32 -4.64
N ALA A 141 -5.43 8.28 -4.45
CA ALA A 141 -5.59 9.57 -5.10
C ALA A 141 -5.34 9.46 -6.60
N LEU A 142 -4.43 8.59 -7.01
CA LEU A 142 -4.15 8.39 -8.43
C LEU A 142 -5.20 7.55 -9.12
N LYS A 143 -5.89 6.69 -8.37
CA LYS A 143 -6.87 5.77 -8.95
C LYS A 143 -8.27 6.38 -8.87
N HIS A 144 -8.81 6.48 -7.65
CA HIS A 144 -10.18 6.92 -7.42
C HIS A 144 -10.28 8.38 -7.02
N LYS A 145 -9.17 9.12 -7.02
CA LYS A 145 -9.14 10.49 -6.50
C LYS A 145 -9.40 10.50 -4.99
N SER A 146 -8.87 9.48 -4.30
CA SER A 146 -9.00 9.34 -2.86
C SER A 146 -10.44 9.21 -2.40
N GLN A 147 -11.34 8.79 -3.29
CA GLN A 147 -12.75 8.63 -2.90
C GLN A 147 -12.97 7.34 -2.13
N VAL A 148 -12.24 6.27 -2.47
CA VAL A 148 -12.43 5.00 -1.80
C VAL A 148 -11.73 4.98 -0.45
N ILE A 149 -10.54 5.57 -0.37
CA ILE A 149 -9.80 5.54 0.89
C ILE A 149 -10.38 6.53 1.88
N ASN A 150 -10.90 7.67 1.40
CA ASN A 150 -11.53 8.64 2.29
C ASN A 150 -12.91 8.18 2.74
N GLU A 151 -13.58 7.36 1.96
CA GLU A 151 -14.91 6.88 2.28
C GLU A 151 -14.89 5.69 3.24
N MET A 152 -13.72 5.22 3.63
CA MET A 152 -13.60 4.15 4.61
C MET A 152 -13.59 4.73 6.01
N GLN A 153 -14.19 4.02 6.95
CA GLN A 153 -14.05 4.38 8.35
C GLN A 153 -12.60 4.24 8.77
N LYS A 154 -12.23 4.96 9.83
CA LYS A 154 -10.87 4.83 10.36
C LYS A 154 -10.59 3.40 10.81
N LYS A 155 -11.64 2.66 11.19
CA LYS A 155 -11.46 1.27 11.60
C LYS A 155 -10.98 0.41 10.44
N ASP A 156 -11.42 0.73 9.21
CA ASP A 156 -10.96 -0.04 8.06
C ASP A 156 -9.50 0.26 7.74
N HIS A 157 -9.05 1.49 7.95
CA HIS A 157 -7.65 1.81 7.74
C HIS A 157 -6.75 1.04 8.69
N LYS A 158 -7.22 0.79 9.92
CA LYS A 158 -6.41 0.04 10.87
C LYS A 158 -6.37 -1.44 10.53
N GLN A 159 -7.42 -1.97 9.88
CA GLN A 159 -7.42 -3.38 9.53
C GLN A 159 -6.43 -3.67 8.41
N LEU A 160 -6.25 -2.73 7.48
CA LEU A 160 -5.22 -2.89 6.45
C LEU A 160 -3.84 -3.00 7.10
N TRP A 161 -3.54 -2.09 8.03
CA TRP A 161 -2.26 -2.13 8.73
C TRP A 161 -2.16 -3.38 9.61
N MET A 162 -3.22 -3.70 10.36
CA MET A 162 -3.19 -4.88 11.20
C MET A 162 -3.04 -6.15 10.37
N GLY A 163 -3.61 -6.17 9.17
CA GLY A 163 -3.45 -7.32 8.30
C GLY A 163 -2.02 -7.49 7.83
N LEU A 164 -1.35 -6.39 7.53
CA LEU A 164 0.06 -6.45 7.15
C LEU A 164 0.92 -6.81 8.35
N GLN A 165 0.68 -6.15 9.49
CA GLN A 165 1.49 -6.40 10.68
C GLN A 165 1.38 -7.85 11.14
N ASN A 166 0.17 -8.40 11.14
CA ASN A 166 -0.07 -9.76 11.61
C ASN A 166 0.00 -10.80 10.48
N ASP A 167 0.26 -10.38 9.25
CA ASP A 167 0.39 -11.30 8.12
C ASP A 167 -0.89 -12.13 7.94
N ARG A 168 -2.03 -11.44 7.96
CA ARG A 168 -3.33 -12.07 7.72
C ARG A 168 -3.78 -11.68 6.31
N PHE A 169 -3.80 -12.66 5.41
CA PHE A 169 -4.18 -12.39 4.03
C PHE A 169 -5.65 -12.00 3.92
N ASP A 170 -6.53 -12.70 4.63
CA ASP A 170 -7.96 -12.42 4.52
C ASP A 170 -8.31 -11.14 5.26
N GLN A 171 -7.74 -10.92 6.44
CA GLN A 171 -8.00 -9.70 7.19
C GLN A 171 -7.65 -8.47 6.35
N PHE A 172 -6.51 -8.52 5.66
CA PHE A 172 -6.06 -7.38 4.86
C PHE A 172 -6.94 -7.20 3.64
N TRP A 173 -7.10 -8.26 2.83
CA TRP A 173 -7.78 -8.14 1.56
C TRP A 173 -9.29 -7.94 1.70
N ALA A 174 -9.84 -8.13 2.91
CA ALA A 174 -11.24 -7.79 3.14
C ALA A 174 -11.49 -6.32 2.83
N ILE A 175 -10.61 -5.45 3.34
CA ILE A 175 -10.70 -4.02 3.04
C ILE A 175 -10.06 -3.70 1.70
N ASN A 176 -8.90 -4.30 1.42
CA ASN A 176 -8.13 -3.91 0.26
C ASN A 176 -8.83 -4.25 -1.06
N ARG A 177 -9.83 -5.13 -1.03
CA ARG A 177 -10.54 -5.45 -2.26
C ARG A 177 -11.32 -4.24 -2.78
N LYS A 178 -11.88 -3.45 -1.87
CA LYS A 178 -12.59 -2.24 -2.28
C LYS A 178 -11.67 -1.23 -2.95
N LEU A 179 -10.36 -1.30 -2.68
CA LEU A 179 -9.42 -0.39 -3.31
C LEU A 179 -9.03 -0.82 -4.71
N MET A 180 -9.33 -2.05 -5.11
CA MET A 180 -9.00 -2.55 -6.44
C MET A 180 -10.19 -2.49 -7.40
N GLU A 181 -11.33 -1.95 -6.97
CA GLU A 181 -12.50 -1.87 -7.84
C GLU A 181 -12.64 -0.45 -8.39
N TYR A 182 -13.13 -0.36 -9.61
CA TYR A 182 -13.31 0.89 -10.33
C TYR A 182 -14.73 0.96 -10.88
N PRO A 183 -15.20 2.16 -11.23
CA PRO A 183 -16.56 2.29 -11.75
C PRO A 183 -16.78 1.44 -12.98
N ALA A 184 -18.04 1.07 -13.22
CA ALA A 184 -18.37 0.18 -14.33
C ALA A 184 -18.04 0.83 -15.66
N GLU A 185 -18.53 2.05 -15.89
CA GLU A 185 -18.33 2.71 -17.18
C GLU A 185 -16.85 2.75 -17.57
N GLU A 186 -15.97 2.97 -16.59
CA GLU A 186 -14.54 2.98 -16.85
C GLU A 186 -14.02 1.56 -17.00
N ASN A 187 -12.94 1.42 -17.78
CA ASN A 187 -12.31 0.13 -18.00
C ASN A 187 -11.15 -0.12 -17.05
N GLY A 188 -10.89 0.79 -16.11
CA GLY A 188 -9.83 0.61 -15.16
C GLY A 188 -9.66 1.84 -14.29
N PHE A 189 -8.54 1.88 -13.58
CA PHE A 189 -8.24 2.99 -12.69
C PHE A 189 -7.99 4.27 -13.48
N ARG A 190 -8.11 5.40 -12.79
CA ARG A 190 -7.76 6.68 -13.40
C ARG A 190 -6.29 6.72 -13.76
N TYR A 191 -5.42 6.42 -12.80
CA TYR A 191 -3.99 6.28 -13.04
C TYR A 191 -3.49 5.06 -12.28
N ILE A 192 -2.38 4.51 -12.74
CA ILE A 192 -1.79 3.32 -12.16
C ILE A 192 -0.66 3.76 -11.22
N PRO A 193 -0.76 3.55 -9.91
CA PRO A 193 0.39 3.82 -9.03
C PRO A 193 1.51 2.84 -9.29
N PHE A 194 2.72 3.36 -9.47
CA PHE A 194 3.88 2.52 -9.75
C PHE A 194 5.15 3.29 -9.42
N ARG A 195 6.22 2.55 -9.19
CA ARG A 195 7.56 3.12 -9.06
C ARG A 195 8.55 2.21 -9.77
N ILE A 196 9.37 2.79 -10.63
CA ILE A 196 10.39 2.06 -11.37
C ILE A 196 11.75 2.40 -10.75
N TYR A 197 12.38 1.39 -10.18
CA TYR A 197 13.69 1.53 -9.55
C TYR A 197 14.78 1.00 -10.46
N GLN A 198 15.93 1.66 -10.44
CA GLN A 198 17.08 1.24 -11.21
C GLN A 198 18.32 1.57 -10.40
N THR A 199 19.31 0.68 -10.44
CA THR A 199 20.45 0.83 -9.54
C THR A 199 21.44 1.88 -10.01
N THR A 200 21.52 2.14 -11.32
CA THR A 200 22.52 3.04 -11.88
C THR A 200 21.99 4.46 -12.11
N THR A 201 20.74 4.74 -11.77
CA THR A 201 20.16 6.06 -12.02
C THR A 201 20.24 6.91 -10.75
N GLU A 202 20.51 8.20 -10.94
CA GLU A 202 20.63 9.11 -9.80
C GLU A 202 19.31 9.27 -9.08
N ARG A 203 18.21 9.31 -9.82
CA ARG A 203 16.90 9.47 -9.19
C ARG A 203 16.54 8.21 -8.39
N PRO A 204 15.91 8.36 -7.22
CA PRO A 204 15.50 7.15 -6.48
C PRO A 204 14.63 6.21 -7.30
N PHE A 205 13.67 6.75 -8.04
CA PHE A 205 12.80 5.95 -8.89
C PHE A 205 12.15 6.87 -9.91
N ILE A 206 11.32 6.27 -10.77
CA ILE A 206 10.62 6.99 -11.83
C ILE A 206 9.12 6.84 -11.56
N GLN A 207 8.45 7.97 -11.34
CA GLN A 207 7.02 7.99 -11.07
C GLN A 207 6.38 9.11 -11.88
N LYS A 208 5.44 8.76 -12.74
CA LYS A 208 4.74 9.72 -13.58
C LYS A 208 3.28 9.31 -13.69
N LEU A 209 2.50 10.08 -14.45
CA LEU A 209 1.08 9.80 -14.65
C LEU A 209 0.90 8.95 -15.90
N PHE A 210 0.34 7.76 -15.73
CA PHE A 210 0.09 6.85 -16.83
C PHE A 210 -1.28 6.20 -16.66
N ARG A 211 -2.12 6.27 -17.72
CA ARG A 211 -3.46 5.70 -17.66
C ARG A 211 -3.43 4.24 -18.10
N PRO A 212 -4.30 3.39 -17.53
CA PRO A 212 -4.37 1.99 -17.98
C PRO A 212 -4.95 1.84 -19.38
N VAL A 213 -5.64 2.86 -19.90
CA VAL A 213 -6.34 2.78 -21.17
C VAL A 213 -5.77 3.82 -22.13
N ALA A 214 -5.68 3.46 -23.41
CA ALA A 214 -5.23 4.38 -24.45
C ALA A 214 -6.43 5.15 -25.01
N ALA A 215 -6.15 6.03 -25.97
CA ALA A 215 -7.22 6.79 -26.59
C ALA A 215 -8.19 5.88 -27.34
N ASP A 216 -7.65 4.90 -28.07
CA ASP A 216 -8.49 3.98 -28.85
C ASP A 216 -9.25 2.99 -27.98
N GLY A 217 -8.91 2.88 -26.69
CA GLY A 217 -9.58 1.98 -25.79
C GLY A 217 -8.81 0.72 -25.47
N GLN A 218 -7.70 0.46 -26.16
CA GLN A 218 -6.93 -0.74 -25.88
C GLN A 218 -6.15 -0.57 -24.58
N LEU A 219 -6.00 -1.67 -23.85
CA LEU A 219 -5.31 -1.62 -22.57
C LEU A 219 -3.81 -1.48 -22.78
N HIS A 220 -3.19 -0.65 -21.95
CA HIS A 220 -1.74 -0.50 -21.96
C HIS A 220 -1.12 -1.69 -21.25
N THR A 221 0.02 -2.15 -21.78
CA THR A 221 0.72 -3.29 -21.22
C THR A 221 1.93 -2.82 -20.42
N LEU A 222 2.65 -3.78 -19.84
CA LEU A 222 3.85 -3.43 -19.09
C LEU A 222 4.91 -2.84 -20.01
N GLY A 223 4.99 -3.32 -21.24
CA GLY A 223 5.94 -2.75 -22.19
C GLY A 223 5.54 -1.34 -22.63
N ASP A 224 4.24 -1.10 -22.80
CA ASP A 224 3.79 0.24 -23.15
C ASP A 224 4.20 1.25 -22.10
N LEU A 225 4.10 0.87 -20.82
CA LEU A 225 4.54 1.76 -19.74
C LEU A 225 6.04 2.00 -19.83
N LEU A 226 6.81 0.93 -19.96
CA LEU A 226 8.27 1.06 -20.03
C LEU A 226 8.68 1.87 -21.25
N LYS A 227 8.10 1.55 -22.41
CA LYS A 227 8.38 2.31 -23.62
C LYS A 227 8.10 3.80 -23.41
N GLU A 228 7.23 4.14 -22.46
CA GLU A 228 6.89 5.54 -22.17
C GLU A 228 7.90 6.16 -21.20
N VAL A 229 7.89 5.69 -19.95
CA VAL A 229 8.68 6.35 -18.90
C VAL A 229 10.10 5.83 -18.77
N CYS A 230 10.42 4.67 -19.36
CA CYS A 230 11.75 4.08 -19.25
C CYS A 230 12.12 3.42 -20.57
N PRO A 231 12.26 4.21 -21.64
CA PRO A 231 12.53 3.61 -22.96
C PRO A 231 13.91 2.99 -23.07
N SER A 232 14.86 3.36 -22.21
CA SER A 232 16.23 2.87 -22.32
C SER A 232 16.43 1.50 -21.69
N ALA A 233 15.42 0.93 -21.03
CA ALA A 233 15.55 -0.38 -20.43
C ALA A 233 15.18 -1.52 -21.38
N ILE A 234 14.58 -1.21 -22.52
CA ILE A 234 14.19 -2.21 -23.51
C ILE A 234 15.13 -2.08 -24.71
N ASP A 235 15.75 -3.19 -25.09
CA ASP A 235 16.61 -3.20 -26.27
C ASP A 235 16.64 -4.59 -26.89
N LYS A 242 19.16 -7.17 -22.30
CA LYS A 242 20.29 -6.66 -21.54
C LYS A 242 19.88 -6.33 -20.11
N ASN A 243 18.63 -5.91 -19.93
CA ASN A 243 18.09 -5.58 -18.62
C ASN A 243 16.97 -6.54 -18.26
N GLN A 244 16.74 -6.70 -16.96
CA GLN A 244 15.67 -7.51 -16.40
C GLN A 244 14.60 -6.59 -15.85
N VAL A 245 13.34 -6.86 -16.20
CA VAL A 245 12.20 -6.16 -15.61
C VAL A 245 11.58 -7.11 -14.58
N MET A 246 11.77 -6.79 -13.31
CA MET A 246 11.48 -7.72 -12.22
C MET A 246 10.43 -7.13 -11.30
N ILE A 247 9.36 -7.89 -11.07
CA ILE A 247 8.28 -7.51 -10.15
C ILE A 247 8.02 -8.70 -9.25
N HIS A 248 8.17 -8.50 -7.94
CA HIS A 248 8.00 -9.57 -6.96
C HIS A 248 8.88 -10.78 -7.30
N GLY A 249 10.05 -10.52 -7.86
CA GLY A 249 11.01 -11.57 -8.11
C GLY A 249 10.80 -12.37 -9.38
N ILE A 250 9.84 -11.99 -10.22
CA ILE A 250 9.60 -12.70 -11.48
C ILE A 250 9.81 -11.74 -12.64
N GLU A 251 9.66 -12.24 -13.87
CA GLU A 251 9.94 -11.49 -15.08
C GLU A 251 8.70 -11.59 -15.96
N PRO A 252 7.69 -10.78 -15.70
CA PRO A 252 6.43 -10.89 -16.47
C PRO A 252 6.62 -10.57 -17.93
N MET A 253 5.78 -11.18 -18.75
CA MET A 253 5.75 -10.83 -20.17
C MET A 253 5.38 -9.37 -20.33
N LEU A 254 5.99 -8.71 -21.32
CA LEU A 254 5.70 -7.30 -21.56
C LEU A 254 4.27 -7.06 -22.02
N GLU A 255 3.58 -8.09 -22.52
CA GLU A 255 2.22 -7.94 -22.98
C GLU A 255 1.20 -7.99 -21.85
N THR A 256 1.64 -8.16 -20.61
CA THR A 256 0.71 -8.26 -19.50
C THR A 256 -0.11 -6.98 -19.39
N PRO A 257 -1.44 -7.07 -19.32
CA PRO A 257 -2.24 -5.85 -19.14
C PRO A 257 -1.84 -5.13 -17.86
N LEU A 258 -1.61 -3.82 -17.98
CA LEU A 258 -1.14 -3.05 -16.83
C LEU A 258 -2.20 -2.97 -15.74
N GLN A 259 -3.46 -2.77 -16.13
CA GLN A 259 -4.54 -2.73 -15.14
C GLN A 259 -4.52 -3.99 -14.27
N TRP A 260 -4.34 -5.15 -14.89
CA TRP A 260 -4.31 -6.40 -14.14
C TRP A 260 -3.15 -6.43 -13.16
N LEU A 261 -1.96 -5.99 -13.60
CA LEU A 261 -0.80 -5.97 -12.72
C LEU A 261 -1.06 -5.13 -11.47
N SER A 262 -1.64 -3.95 -11.65
CA SER A 262 -1.85 -3.07 -10.51
C SER A 262 -2.74 -3.74 -9.47
N GLU A 263 -3.76 -4.48 -9.91
CA GLU A 263 -4.66 -5.14 -8.97
C GLU A 263 -3.97 -6.30 -8.28
N HIS A 264 -3.45 -7.25 -9.06
CA HIS A 264 -2.98 -8.52 -8.52
C HIS A 264 -1.54 -8.48 -8.02
N LEU A 265 -0.63 -7.83 -8.75
CA LEU A 265 0.79 -7.85 -8.44
C LEU A 265 1.26 -6.65 -7.63
N SER A 266 0.35 -5.79 -7.20
CA SER A 266 0.75 -4.66 -6.36
C SER A 266 1.13 -5.14 -4.96
N TYR A 267 1.88 -4.28 -4.26
CA TYR A 267 2.19 -4.50 -2.86
C TYR A 267 1.01 -4.06 -2.01
N PRO A 268 0.99 -4.43 -0.73
CA PRO A 268 -0.13 -4.04 0.13
C PRO A 268 -0.39 -2.54 0.18
N ASP A 269 0.59 -1.71 -0.19
CA ASP A 269 0.39 -0.28 -0.27
C ASP A 269 -0.25 0.16 -1.58
N ASN A 270 -0.64 -0.81 -2.42
CA ASN A 270 -1.29 -0.56 -3.70
C ASN A 270 -0.38 0.16 -4.68
N PHE A 271 0.92 0.07 -4.48
CA PHE A 271 1.91 0.57 -5.45
C PHE A 271 2.57 -0.61 -6.15
N LEU A 272 2.87 -0.41 -7.42
CA LEU A 272 3.55 -1.41 -8.23
C LEU A 272 5.02 -1.00 -8.32
N HIS A 273 5.88 -1.73 -7.61
CA HIS A 273 7.30 -1.43 -7.53
C HIS A 273 8.02 -2.28 -8.57
N ILE A 274 8.60 -1.64 -9.57
CA ILE A 274 9.26 -2.31 -10.69
C ILE A 274 10.75 -2.03 -10.60
N SER A 275 11.56 -3.08 -10.77
CA SER A 275 13.01 -2.99 -10.70
C SER A 275 13.61 -3.30 -12.06
N ILE A 276 14.57 -2.49 -12.47
CA ILE A 276 15.31 -2.70 -13.72
C ILE A 276 16.75 -3.01 -13.33
N ILE A 277 17.16 -4.25 -13.54
CA ILE A 277 18.50 -4.69 -13.17
C ILE A 277 19.14 -5.41 -14.35
N PRO A 278 20.45 -5.33 -14.53
CA PRO A 278 21.09 -6.06 -15.63
C PRO A 278 21.00 -7.56 -15.42
N GLN A 279 21.21 -8.29 -16.51
CA GLN A 279 21.19 -9.75 -16.45
C GLN A 279 22.31 -10.22 -15.52
N PRO A 280 22.07 -11.25 -14.70
CA PRO A 280 23.14 -11.73 -13.82
C PRO A 280 24.37 -12.14 -14.61
N THR A 281 25.54 -11.87 -14.03
CA THR A 281 26.79 -12.06 -14.74
C THR A 281 26.90 -13.46 -15.34
N ASP A 282 26.67 -14.48 -14.53
CA ASP A 282 26.81 -15.86 -14.98
C ASP A 282 25.45 -16.50 -15.30
N GLY B 3 -9.91 -21.37 -19.62
CA GLY B 3 -8.78 -21.02 -20.45
C GLY B 3 -8.11 -19.73 -20.04
N ARG B 4 -7.16 -19.83 -19.13
CA ARG B 4 -6.41 -18.65 -18.69
C ARG B 4 -5.45 -18.20 -19.80
N PRO B 5 -5.26 -16.90 -19.99
CA PRO B 5 -4.34 -16.44 -21.04
C PRO B 5 -2.92 -16.89 -20.76
N ARG B 6 -2.07 -16.75 -21.79
CA ARG B 6 -0.68 -17.19 -21.69
C ARG B 6 0.05 -16.39 -20.61
N TRP B 7 -0.09 -15.06 -20.63
CA TRP B 7 0.63 -14.23 -19.68
C TRP B 7 0.19 -14.51 -18.25
N LYS B 8 -1.06 -14.93 -18.04
CA LYS B 8 -1.51 -15.28 -16.70
C LYS B 8 -0.86 -16.58 -16.23
N ARG B 9 -0.91 -17.63 -17.07
CA ARG B 9 -0.24 -18.87 -16.73
C ARG B 9 1.25 -18.64 -16.50
N HIS B 10 1.86 -17.74 -17.29
CA HIS B 10 3.28 -17.47 -17.13
C HIS B 10 3.58 -16.91 -15.74
N ILE B 11 2.70 -16.04 -15.23
CA ILE B 11 2.92 -15.46 -13.91
C ILE B 11 2.73 -16.52 -12.82
N SER B 12 1.73 -17.39 -12.99
CA SER B 12 1.51 -18.45 -12.00
C SER B 12 2.69 -19.42 -11.96
N GLU B 13 3.22 -19.78 -13.12
CA GLU B 13 4.37 -20.68 -13.16
C GLU B 13 5.59 -20.01 -12.56
N GLN B 14 5.88 -18.77 -12.98
CA GLN B 14 7.05 -18.06 -12.50
C GLN B 14 6.97 -17.83 -11.00
N LEU B 15 5.78 -17.54 -10.48
CA LEU B 15 5.62 -17.33 -9.04
C LEU B 15 5.88 -18.60 -8.26
N ARG B 16 5.40 -19.75 -8.76
CA ARG B 16 5.69 -21.00 -8.07
C ARG B 16 7.17 -21.35 -8.16
N ARG B 17 7.80 -21.04 -9.30
CA ARG B 17 9.24 -21.24 -9.42
C ARG B 17 10.00 -20.36 -8.44
N ARG B 18 9.56 -19.11 -8.24
CA ARG B 18 10.20 -18.23 -7.27
C ARG B 18 10.18 -18.86 -5.88
N ASP B 19 9.03 -19.39 -5.47
CA ASP B 19 8.92 -19.98 -4.14
C ASP B 19 9.74 -21.25 -4.03
N ARG B 20 9.79 -22.04 -5.10
CA ARG B 20 10.60 -23.26 -5.08
C ARG B 20 12.08 -22.94 -4.87
N LEU B 21 12.61 -21.97 -5.62
CA LEU B 21 14.04 -21.70 -5.57
C LEU B 21 14.44 -20.91 -4.33
N GLN B 22 13.52 -20.12 -3.76
CA GLN B 22 13.84 -19.22 -2.66
C GLN B 22 13.27 -19.68 -1.32
N ARG B 23 11.94 -19.75 -1.19
CA ARG B 23 11.35 -20.06 0.11
C ARG B 23 11.48 -21.53 0.47
N GLN B 24 10.84 -22.40 -0.32
CA GLN B 24 10.78 -23.82 0.01
C GLN B 24 12.16 -24.41 0.25
N ALA B 25 13.22 -23.79 -0.30
CA ALA B 25 14.55 -24.34 -0.14
C ALA B 25 15.05 -24.19 1.29
N PHE B 26 14.91 -23.00 1.87
CA PHE B 26 15.44 -22.71 3.19
C PHE B 26 14.40 -22.82 4.30
N GLU B 27 13.16 -23.14 3.98
CA GLU B 27 12.11 -23.12 4.99
C GLU B 27 12.42 -24.09 6.13
N GLU B 28 12.80 -25.32 5.79
CA GLU B 28 12.98 -26.34 6.83
C GLU B 28 14.29 -26.17 7.59
N ILE B 29 15.38 -25.84 6.89
CA ILE B 29 16.66 -25.69 7.56
C ILE B 29 16.63 -24.50 8.51
N ILE B 30 15.99 -23.41 8.10
CA ILE B 30 15.89 -22.24 8.96
C ILE B 30 15.13 -22.60 10.24
N LEU B 31 14.06 -23.39 10.10
CA LEU B 31 13.32 -23.87 11.27
C LEU B 31 14.23 -24.66 12.20
N GLN B 32 14.91 -25.67 11.66
CA GLN B 32 15.79 -26.50 12.48
C GLN B 32 16.93 -25.69 13.09
N TYR B 33 17.43 -24.69 12.35
CA TYR B 33 18.51 -23.87 12.89
C TYR B 33 18.05 -23.05 14.08
N ASN B 34 16.95 -22.29 13.93
CA ASN B 34 16.48 -21.45 15.03
C ASN B 34 16.14 -22.27 16.26
N LYS B 35 15.71 -23.53 16.08
CA LYS B 35 15.50 -24.40 17.23
C LYS B 35 16.81 -24.68 17.96
N LEU B 36 17.87 -24.96 17.20
CA LEU B 36 19.17 -25.21 17.83
C LEU B 36 19.74 -23.96 18.46
N LEU B 37 19.52 -22.80 17.84
CA LEU B 37 20.01 -21.54 18.40
C LEU B 37 19.40 -21.28 19.77
N GLU B 38 18.07 -21.35 19.86
CA GLU B 38 17.39 -21.07 21.12
C GLU B 38 17.90 -21.96 22.24
N LYS B 39 18.26 -23.22 21.93
CA LYS B 39 18.82 -24.09 22.94
C LYS B 39 20.14 -23.55 23.46
N SER B 40 21.04 -23.16 22.55
CA SER B 40 22.35 -22.67 22.96
C SER B 40 22.23 -21.50 23.92
N ASP B 41 21.27 -20.61 23.69
CA ASP B 41 21.08 -19.47 24.58
C ASP B 41 20.66 -19.90 25.97
N LEU B 42 20.00 -21.05 26.09
CA LEU B 42 19.57 -21.55 27.39
C LEU B 42 20.75 -21.80 28.31
N MET C 8 -17.23 54.61 -2.79
CA MET C 8 -16.29 53.74 -3.55
C MET C 8 -17.03 53.01 -4.67
N THR C 9 -17.40 51.75 -4.42
CA THR C 9 -18.17 50.94 -5.36
C THR C 9 -19.34 50.32 -4.63
N ASP C 10 -20.46 50.19 -5.34
CA ASP C 10 -21.64 49.55 -4.76
C ASP C 10 -21.37 48.06 -4.54
N ASP C 11 -22.18 47.44 -3.68
CA ASP C 11 -22.10 46.01 -3.42
C ASP C 11 -20.79 45.65 -2.73
N LYS C 12 -20.24 46.58 -1.95
CA LYS C 12 -18.98 46.34 -1.24
C LYS C 12 -19.05 45.11 -0.36
N ASP C 13 -20.24 44.69 0.07
CA ASP C 13 -20.36 43.47 0.86
C ASP C 13 -19.92 42.26 0.07
N VAL C 14 -20.17 42.26 -1.24
CA VAL C 14 -19.72 41.17 -2.10
C VAL C 14 -18.20 41.14 -2.16
N LEU C 15 -17.57 42.32 -2.23
CA LEU C 15 -16.12 42.39 -2.27
C LEU C 15 -15.50 41.75 -1.03
N ARG C 16 -15.94 42.19 0.15
CA ARG C 16 -15.36 41.67 1.38
C ARG C 16 -15.51 40.15 1.46
N ASP C 17 -16.67 39.63 1.06
CA ASP C 17 -16.86 38.18 1.08
C ASP C 17 -15.89 37.48 0.14
N VAL C 18 -15.65 38.07 -1.03
CA VAL C 18 -14.70 37.48 -1.98
C VAL C 18 -13.27 37.66 -1.50
N TRP C 19 -12.94 38.83 -0.96
CA TRP C 19 -11.57 39.09 -0.55
C TRP C 19 -11.15 38.20 0.62
N PHE C 20 -12.06 37.95 1.55
CA PHE C 20 -11.75 37.20 2.76
C PHE C 20 -12.02 35.72 2.65
N GLY C 21 -12.41 35.23 1.47
CA GLY C 21 -12.62 33.80 1.30
C GLY C 21 -11.38 33.02 1.66
N ARG C 22 -11.57 31.91 2.36
CA ARG C 22 -10.49 31.05 2.81
C ARG C 22 -10.74 29.62 2.38
N ILE C 23 -9.65 28.89 2.15
CA ILE C 23 -9.68 27.48 1.78
C ILE C 23 -8.94 26.70 2.87
N PRO C 24 -9.60 25.79 3.60
CA PRO C 24 -8.86 24.96 4.56
C PRO C 24 -7.90 24.03 3.84
N THR C 25 -6.65 24.00 4.30
CA THR C 25 -5.60 23.28 3.61
C THR C 25 -4.75 22.50 4.60
N CYS C 26 -4.32 21.32 4.18
CA CYS C 26 -3.46 20.46 4.99
C CYS C 26 -2.19 20.20 4.20
N PHE C 27 -1.06 20.67 4.71
CA PHE C 27 0.24 20.49 4.08
C PHE C 27 0.96 19.31 4.72
N THR C 28 1.18 18.26 3.93
CA THR C 28 1.89 17.07 4.38
C THR C 28 3.15 16.88 3.55
N LEU C 29 4.27 16.60 4.22
CA LEU C 29 5.54 16.39 3.54
C LEU C 29 5.57 15.02 2.86
N TYR C 30 6.11 14.99 1.64
CA TYR C 30 6.21 13.73 0.91
C TYR C 30 6.99 12.71 1.73
N GLN C 31 6.51 11.46 1.71
CA GLN C 31 7.03 10.45 2.63
C GLN C 31 8.43 9.98 2.27
N ASP C 32 8.80 10.03 0.98
CA ASP C 32 10.14 9.60 0.57
C ASP C 32 11.20 10.63 0.91
N GLU C 33 10.82 11.86 1.25
CA GLU C 33 11.80 12.86 1.63
C GLU C 33 12.50 12.41 2.91
N ILE C 34 13.82 12.56 2.93
CA ILE C 34 14.62 12.12 4.06
C ILE C 34 14.66 13.25 5.08
N THR C 35 14.26 12.94 6.31
CA THR C 35 14.14 13.91 7.37
C THR C 35 14.90 13.42 8.61
N GLU C 36 15.25 14.37 9.47
CA GLU C 36 15.91 14.01 10.73
C GLU C 36 14.92 13.45 11.74
N ARG C 37 13.66 13.91 11.70
CA ARG C 37 12.62 13.39 12.57
C ARG C 37 11.31 13.36 11.80
N GLU C 38 10.27 12.85 12.45
CA GLU C 38 8.95 12.79 11.82
C GLU C 38 8.39 14.19 11.66
N ALA C 39 7.76 14.43 10.51
CA ALA C 39 7.20 15.73 10.17
C ALA C 39 5.68 15.66 10.27
N GLU C 40 5.12 16.35 11.26
CA GLU C 40 3.68 16.38 11.43
C GLU C 40 3.05 17.33 10.43
N PRO C 41 1.81 17.07 9.99
CA PRO C 41 1.17 17.95 9.01
C PRO C 41 0.93 19.35 9.54
N TYR C 42 0.94 20.32 8.63
CA TYR C 42 0.73 21.74 8.94
C TYR C 42 -0.61 22.17 8.37
N TYR C 43 -1.56 22.50 9.25
CA TYR C 43 -2.87 22.95 8.84
C TYR C 43 -2.92 24.47 8.74
N LEU C 44 -3.52 24.96 7.66
CA LEU C 44 -3.51 26.40 7.38
C LEU C 44 -4.74 26.78 6.57
N LEU C 45 -5.23 28.00 6.80
CA LEU C 45 -6.30 28.58 5.99
C LEU C 45 -5.66 29.44 4.91
N LEU C 46 -5.83 29.04 3.65
CA LEU C 46 -5.19 29.76 2.55
C LEU C 46 -6.12 30.84 1.99
N PRO C 47 -5.65 32.06 1.75
CA PRO C 47 -6.49 33.04 1.05
C PRO C 47 -6.72 32.63 -0.39
N ARG C 48 -7.99 32.66 -0.81
CA ARG C 48 -8.34 32.29 -2.18
C ARG C 48 -7.69 33.22 -3.19
N VAL C 49 -7.50 34.50 -2.82
CA VAL C 49 -7.05 35.51 -3.78
C VAL C 49 -5.53 35.65 -3.84
N SER C 50 -4.80 35.02 -2.94
CA SER C 50 -3.35 35.13 -2.90
C SER C 50 -2.72 33.98 -3.68
N TYR C 51 -1.40 33.83 -3.56
CA TYR C 51 -0.66 32.80 -4.28
C TYR C 51 0.07 31.90 -3.29
N LEU C 52 0.30 30.65 -3.72
CA LEU C 52 0.90 29.67 -2.82
C LEU C 52 2.25 30.14 -2.29
N THR C 53 3.17 30.50 -3.19
CA THR C 53 4.50 30.91 -2.76
C THR C 53 4.46 32.10 -1.80
N LEU C 54 3.39 32.88 -1.80
CA LEU C 54 3.35 34.10 -1.00
C LEU C 54 3.04 33.79 0.47
N VAL C 55 2.00 32.99 0.71
CA VAL C 55 1.46 32.82 2.06
C VAL C 55 1.96 31.56 2.76
N THR C 56 2.84 30.79 2.12
CA THR C 56 3.25 29.49 2.64
C THR C 56 4.55 29.55 3.46
N ASP C 57 5.07 30.75 3.74
CA ASP C 57 6.34 30.84 4.46
C ASP C 57 6.33 30.04 5.75
N LYS C 58 5.20 30.02 6.46
CA LYS C 58 5.12 29.23 7.68
C LYS C 58 5.26 27.75 7.38
N VAL C 59 4.70 27.30 6.24
CA VAL C 59 4.83 25.91 5.84
C VAL C 59 6.28 25.58 5.50
N LYS C 60 6.92 26.45 4.71
CA LYS C 60 8.30 26.22 4.31
C LYS C 60 9.23 26.14 5.51
N LYS C 61 9.06 27.06 6.47
CA LYS C 61 9.90 27.05 7.66
C LYS C 61 9.66 25.82 8.53
N HIS C 62 8.40 25.34 8.58
CA HIS C 62 8.07 24.21 9.44
C HIS C 62 8.75 22.92 8.97
N PHE C 63 8.62 22.59 7.69
CA PHE C 63 9.15 21.33 7.19
C PHE C 63 10.66 21.37 6.95
N GLN C 64 11.25 22.57 6.84
CA GLN C 64 12.69 22.67 6.69
C GLN C 64 13.42 22.44 8.00
N LYS C 65 12.72 22.55 9.14
CA LYS C 65 13.36 22.34 10.43
C LYS C 65 13.76 20.89 10.64
N VAL C 66 13.05 19.96 9.99
CA VAL C 66 13.29 18.53 10.17
C VAL C 66 14.21 17.94 9.11
N MET C 67 14.75 18.77 8.22
CA MET C 67 15.57 18.30 7.11
C MET C 67 16.98 18.88 7.21
N ARG C 68 17.91 18.21 6.54
CA ARG C 68 19.30 18.66 6.50
C ARG C 68 19.49 19.72 5.43
N GLN C 69 20.35 20.69 5.72
CA GLN C 69 20.58 21.80 4.80
C GLN C 69 20.98 21.31 3.41
N GLU C 70 21.68 20.18 3.34
CA GLU C 70 22.09 19.66 2.03
C GLU C 70 20.89 19.23 1.19
N ASP C 71 19.81 18.80 1.83
CA ASP C 71 18.64 18.29 1.12
C ASP C 71 17.61 19.36 0.77
N ILE C 72 17.72 20.55 1.34
CA ILE C 72 16.72 21.59 1.11
C ILE C 72 16.93 22.19 -0.27
N SER C 73 15.83 22.29 -1.03
CA SER C 73 15.83 22.90 -2.36
C SER C 73 14.55 23.72 -2.49
N GLU C 74 14.33 24.27 -3.68
CA GLU C 74 13.13 25.06 -3.90
C GLU C 74 11.90 24.22 -3.60
N ILE C 75 11.11 24.66 -2.62
CA ILE C 75 9.89 23.95 -2.25
C ILE C 75 8.91 24.02 -3.40
N TRP C 76 8.20 22.92 -3.64
CA TRP C 76 7.12 22.90 -4.61
C TRP C 76 6.00 22.01 -4.08
N PHE C 77 4.79 22.26 -4.59
CA PHE C 77 3.59 21.62 -4.09
C PHE C 77 2.95 20.79 -5.19
N GLU C 78 2.21 19.76 -4.79
CA GLU C 78 1.60 18.85 -5.74
C GLU C 78 0.29 18.33 -5.17
N TYR C 79 -0.70 18.15 -6.05
CA TYR C 79 -1.99 17.61 -5.67
C TYR C 79 -2.33 16.48 -6.62
N GLU C 80 -2.49 15.27 -6.07
CA GLU C 80 -2.86 14.09 -6.85
C GLU C 80 -1.93 13.91 -8.05
N GLY C 81 -0.62 13.96 -7.78
CA GLY C 81 0.39 13.74 -8.79
C GLY C 81 0.60 14.91 -9.74
N THR C 82 -0.14 16.01 -9.57
CA THR C 82 -0.04 17.17 -10.45
C THR C 82 0.68 18.30 -9.70
N PRO C 83 1.80 18.82 -10.20
CA PRO C 83 2.41 19.98 -9.54
C PRO C 83 1.52 21.21 -9.66
N LEU C 84 1.35 21.92 -8.55
CA LEU C 84 0.49 23.09 -8.52
C LEU C 84 1.23 24.33 -9.01
N LYS C 85 0.66 25.02 -9.98
CA LYS C 85 1.25 26.25 -10.49
C LYS C 85 1.02 27.36 -9.49
N TRP C 86 2.10 27.98 -9.02
CA TRP C 86 1.99 29.01 -8.00
C TRP C 86 1.47 30.34 -8.54
N HIS C 87 1.66 30.61 -9.84
CA HIS C 87 1.18 31.85 -10.41
C HIS C 87 -0.33 31.86 -10.66
N TYR C 88 -1.03 30.68 -10.44
CA TYR C 88 -2.50 30.71 -10.44
C TYR C 88 -3.00 31.05 -9.04
N PRO C 89 -4.08 31.82 -8.90
CA PRO C 89 -4.58 32.13 -7.56
C PRO C 89 -4.97 30.85 -6.84
N ILE C 90 -4.78 30.87 -5.52
CA ILE C 90 -5.06 29.68 -4.71
C ILE C 90 -6.50 29.23 -4.94
N GLY C 91 -7.45 30.18 -4.90
CA GLY C 91 -8.84 29.83 -5.07
C GLY C 91 -9.11 29.10 -6.38
N LEU C 92 -8.44 29.51 -7.46
CA LEU C 92 -8.65 28.86 -8.74
C LEU C 92 -8.17 27.42 -8.69
N LEU C 93 -6.96 27.19 -8.16
CA LEU C 93 -6.42 25.84 -8.08
C LEU C 93 -7.39 24.91 -7.36
N PHE C 94 -7.98 25.38 -6.27
CA PHE C 94 -8.91 24.53 -5.51
C PHE C 94 -10.19 24.28 -6.30
N ASP C 95 -10.83 25.36 -6.76
CA ASP C 95 -12.06 25.21 -7.54
C ASP C 95 -11.86 24.23 -8.70
N LEU C 96 -10.70 24.30 -9.36
CA LEU C 96 -10.47 23.51 -10.56
C LEU C 96 -10.10 22.06 -10.25
N LEU C 97 -9.43 21.81 -9.12
CA LEU C 97 -8.89 20.51 -8.81
C LEU C 97 -9.62 19.81 -7.67
N ALA C 98 -9.57 20.37 -6.46
CA ALA C 98 -10.02 19.67 -5.26
C ALA C 98 -11.46 19.96 -4.87
N SER C 99 -12.19 20.77 -5.64
CA SER C 99 -13.53 21.17 -5.21
C SER C 99 -14.45 19.98 -5.03
N SER C 100 -14.25 18.91 -5.82
CA SER C 100 -15.14 17.76 -5.78
C SER C 100 -14.82 16.79 -4.64
N SER C 101 -13.66 16.92 -4.00
CA SER C 101 -13.27 16.01 -2.93
C SER C 101 -13.67 16.60 -1.58
N ALA C 102 -13.43 15.84 -0.52
CA ALA C 102 -13.75 16.27 0.83
C ALA C 102 -12.67 17.19 1.37
N LEU C 103 -13.09 18.20 2.11
CA LEU C 103 -12.16 19.10 2.78
C LEU C 103 -11.44 18.37 3.91
N PRO C 104 -10.29 18.89 4.35
CA PRO C 104 -9.53 20.02 3.81
C PRO C 104 -8.75 19.66 2.54
N TRP C 105 -8.32 20.70 1.81
CA TRP C 105 -7.45 20.50 0.66
C TRP C 105 -6.15 19.84 1.10
N ASN C 106 -5.81 18.71 0.48
CA ASN C 106 -4.61 17.95 0.83
C ASN C 106 -3.52 18.24 -0.20
N ILE C 107 -2.48 18.95 0.22
CA ILE C 107 -1.37 19.34 -0.65
C ILE C 107 -0.10 18.66 -0.14
N THR C 108 0.67 18.09 -1.06
CA THR C 108 1.92 17.41 -0.73
C THR C 108 3.09 18.35 -0.97
N VAL C 109 4.00 18.41 0.01
CA VAL C 109 5.19 19.26 -0.05
C VAL C 109 6.36 18.42 -0.52
N HIS C 110 7.02 18.88 -1.57
CA HIS C 110 8.21 18.21 -2.11
C HIS C 110 9.38 19.17 -2.06
N PHE C 111 10.47 18.73 -1.44
CA PHE C 111 11.73 19.47 -1.48
C PHE C 111 12.72 18.92 -2.50
N LYS C 112 12.39 17.83 -3.20
CA LYS C 112 13.34 17.15 -4.06
C LYS C 112 12.70 16.86 -5.41
N SER C 113 13.55 16.76 -6.44
CA SER C 113 13.14 16.42 -7.79
C SER C 113 12.11 17.43 -8.31
N PHE C 114 12.58 18.66 -8.46
CA PHE C 114 11.73 19.73 -8.96
C PHE C 114 11.35 19.45 -10.42
N PRO C 115 9.91 19.54 -10.83
CA PRO C 115 9.49 19.30 -12.22
C PRO C 115 9.81 20.46 -13.16
N GLU C 116 11.06 20.47 -13.63
CA GLU C 116 11.52 21.56 -14.50
C GLU C 116 10.57 21.79 -15.67
N LYS C 117 9.98 20.72 -16.20
CA LYS C 117 9.17 20.84 -17.39
C LYS C 117 7.81 21.47 -17.10
N ASP C 118 7.18 21.09 -15.99
CA ASP C 118 5.81 21.46 -15.72
C ASP C 118 5.67 22.68 -14.80
N LEU C 119 6.77 23.24 -14.30
CA LEU C 119 6.68 24.33 -13.34
C LEU C 119 7.68 25.43 -13.66
N LEU C 120 7.37 26.62 -13.16
CA LEU C 120 8.27 27.77 -13.20
C LEU C 120 8.90 27.93 -11.82
N HIS C 121 10.21 28.12 -11.77
CA HIS C 121 10.87 28.36 -10.50
C HIS C 121 10.42 29.69 -9.92
N CYS C 122 9.98 29.69 -8.67
CA CYS C 122 9.71 30.95 -8.00
C CYS C 122 10.96 31.34 -7.21
N PRO C 123 11.78 32.26 -7.72
CA PRO C 123 13.00 32.60 -6.96
C PRO C 123 12.75 33.39 -5.69
N SER C 124 11.83 34.34 -5.73
CA SER C 124 11.64 35.26 -4.61
C SER C 124 10.26 35.89 -4.71
N LYS C 125 9.83 36.53 -3.62
CA LYS C 125 8.57 37.28 -3.64
C LYS C 125 8.61 38.39 -4.67
N ASP C 126 9.79 38.93 -4.96
CA ASP C 126 9.89 39.95 -6.00
C ASP C 126 9.38 39.40 -7.33
N ALA C 127 9.66 38.12 -7.59
CA ALA C 127 9.16 37.49 -8.81
C ALA C 127 7.63 37.42 -8.80
N ILE C 128 7.01 37.34 -7.63
CA ILE C 128 5.55 37.33 -7.54
C ILE C 128 5.00 38.72 -7.82
N GLU C 129 5.62 39.75 -7.24
CA GLU C 129 5.19 41.12 -7.51
C GLU C 129 5.28 41.42 -9.00
N ALA C 130 6.30 40.91 -9.68
CA ALA C 130 6.44 41.14 -11.11
C ALA C 130 5.29 40.51 -11.88
N HIS C 131 4.99 39.24 -11.60
CA HIS C 131 3.89 38.57 -12.30
C HIS C 131 2.57 39.22 -11.99
N PHE C 132 2.37 39.63 -10.73
CA PHE C 132 1.10 40.22 -10.34
C PHE C 132 0.82 41.51 -11.10
N MET C 133 1.79 42.43 -11.10
CA MET C 133 1.59 43.72 -11.77
C MET C 133 1.39 43.55 -13.26
N SER C 134 2.03 42.56 -13.88
CA SER C 134 1.80 42.30 -15.30
C SER C 134 0.33 42.01 -15.57
N CYS C 135 -0.29 41.17 -14.73
CA CYS C 135 -1.69 40.84 -14.94
C CYS C 135 -2.58 42.07 -14.80
N MET C 136 -2.21 42.99 -13.91
CA MET C 136 -2.96 44.24 -13.77
C MET C 136 -2.80 45.11 -15.02
N LYS C 137 -1.56 45.30 -15.48
CA LYS C 137 -1.34 46.09 -16.68
C LYS C 137 -2.09 45.51 -17.87
N GLU C 138 -2.01 44.19 -18.05
CA GLU C 138 -2.75 43.56 -19.14
C GLU C 138 -4.25 43.68 -18.94
N ALA C 139 -4.72 43.64 -17.69
CA ALA C 139 -6.14 43.77 -17.42
C ALA C 139 -6.61 45.19 -17.70
N ASP C 140 -5.88 46.19 -17.21
CA ASP C 140 -6.24 47.58 -17.47
C ASP C 140 -6.07 47.95 -18.94
N ALA C 141 -5.25 47.21 -19.68
CA ALA C 141 -5.12 47.45 -21.11
C ALA C 141 -6.38 47.03 -21.87
N LEU C 142 -7.04 45.96 -21.41
CA LEU C 142 -8.26 45.49 -22.07
C LEU C 142 -9.46 46.38 -21.74
N LYS C 143 -9.42 47.06 -20.60
CA LYS C 143 -10.56 47.87 -20.14
C LYS C 143 -10.40 49.32 -20.57
N HIS C 144 -9.43 50.02 -20.00
CA HIS C 144 -9.25 51.46 -20.19
C HIS C 144 -8.19 51.81 -21.24
N LYS C 145 -7.61 50.82 -21.92
CA LYS C 145 -6.46 51.03 -22.81
C LYS C 145 -5.24 51.47 -22.01
N SER C 146 -5.06 50.87 -20.83
CA SER C 146 -3.92 51.15 -19.97
C SER C 146 -3.86 52.61 -19.54
N GLN C 147 -5.01 53.30 -19.59
CA GLN C 147 -5.06 54.71 -19.23
C GLN C 147 -5.07 54.93 -17.72
N VAL C 148 -5.70 54.03 -16.96
CA VAL C 148 -5.83 54.24 -15.52
C VAL C 148 -4.54 53.88 -14.79
N ILE C 149 -3.91 52.76 -15.18
CA ILE C 149 -2.72 52.32 -14.46
C ILE C 149 -1.50 53.13 -14.85
N ASN C 150 -1.43 53.66 -16.07
CA ASN C 150 -0.26 54.43 -16.49
C ASN C 150 -0.22 55.80 -15.81
N GLU C 151 -1.36 56.37 -15.46
CA GLU C 151 -1.40 57.65 -14.79
C GLU C 151 -1.25 57.53 -13.27
N MET C 152 -1.06 56.31 -12.76
CA MET C 152 -0.84 56.09 -11.34
C MET C 152 0.62 56.26 -10.99
N GLN C 153 0.88 56.91 -9.86
CA GLN C 153 2.25 57.08 -9.40
C GLN C 153 2.83 55.73 -8.98
N LYS C 154 4.17 55.68 -8.96
CA LYS C 154 4.85 54.46 -8.53
C LYS C 154 4.41 54.05 -7.13
N LYS C 155 4.01 55.02 -6.30
CA LYS C 155 3.53 54.70 -4.95
C LYS C 155 2.21 53.94 -4.99
N ASP C 156 1.35 54.21 -5.97
CA ASP C 156 0.09 53.51 -6.05
C ASP C 156 0.27 52.05 -6.46
N HIS C 157 1.22 51.79 -7.37
CA HIS C 157 1.49 50.42 -7.77
C HIS C 157 2.01 49.60 -6.60
N LYS C 158 2.81 50.20 -5.72
CA LYS C 158 3.31 49.49 -4.56
C LYS C 158 2.22 49.28 -3.52
N GLN C 159 1.24 50.18 -3.44
CA GLN C 159 0.17 50.00 -2.47
C GLN C 159 -0.74 48.85 -2.85
N LEU C 160 -0.96 48.62 -4.15
CA LEU C 160 -1.74 47.46 -4.59
C LEU C 160 -1.08 46.17 -4.11
N TRP C 161 0.22 46.05 -4.32
CA TRP C 161 0.94 44.84 -3.89
C TRP C 161 0.95 44.72 -2.37
N MET C 162 1.22 45.81 -1.67
CA MET C 162 1.25 45.76 -0.21
C MET C 162 -0.11 45.39 0.37
N GLY C 163 -1.20 45.84 -0.26
CA GLY C 163 -2.52 45.49 0.23
C GLY C 163 -2.83 44.01 0.10
N LEU C 164 -2.42 43.40 -1.02
CA LEU C 164 -2.61 41.96 -1.18
C LEU C 164 -1.66 41.19 -0.28
N GLN C 165 -0.39 41.58 -0.26
CA GLN C 165 0.60 40.85 0.54
C GLN C 165 0.22 40.85 2.01
N ASN C 166 -0.22 41.99 2.53
CA ASN C 166 -0.59 42.13 3.93
C ASN C 166 -2.06 41.87 4.18
N ASP C 167 -2.83 41.53 3.15
CA ASP C 167 -4.24 41.19 3.29
C ASP C 167 -5.03 42.34 3.90
N ARG C 168 -4.71 43.56 3.49
CA ARG C 168 -5.47 44.75 3.89
C ARG C 168 -6.51 45.02 2.81
N PHE C 169 -7.79 44.87 3.16
CA PHE C 169 -8.85 45.05 2.17
C PHE C 169 -8.98 46.52 1.77
N ASP C 170 -9.09 47.41 2.77
CA ASP C 170 -9.26 48.83 2.46
C ASP C 170 -8.04 49.38 1.75
N GLN C 171 -6.84 49.02 2.22
CA GLN C 171 -5.61 49.49 1.58
C GLN C 171 -5.59 49.14 0.10
N PHE C 172 -5.98 47.90 -0.24
CA PHE C 172 -5.96 47.49 -1.62
C PHE C 172 -7.05 48.18 -2.43
N TRP C 173 -8.30 48.13 -1.96
CA TRP C 173 -9.40 48.68 -2.73
C TRP C 173 -9.40 50.20 -2.76
N ALA C 174 -8.58 50.85 -1.95
CA ALA C 174 -8.41 52.30 -2.08
C ALA C 174 -7.92 52.64 -3.48
N ILE C 175 -6.90 51.91 -3.95
CA ILE C 175 -6.40 52.10 -5.31
C ILE C 175 -7.24 51.34 -6.32
N ASN C 176 -7.62 50.10 -6.00
CA ASN C 176 -8.25 49.24 -6.99
C ASN C 176 -9.63 49.74 -7.41
N ARG C 177 -10.24 50.62 -6.62
CA ARG C 177 -11.55 51.15 -7.01
C ARG C 177 -11.46 51.92 -8.33
N LYS C 178 -10.38 52.68 -8.51
CA LYS C 178 -10.22 53.46 -9.73
C LYS C 178 -10.09 52.57 -10.96
N LEU C 179 -9.67 51.31 -10.79
CA LEU C 179 -9.54 50.40 -11.91
C LEU C 179 -10.86 49.73 -12.30
N MET C 180 -11.89 49.83 -11.46
CA MET C 180 -13.18 49.22 -11.77
C MET C 180 -14.19 50.21 -12.34
N GLU C 181 -13.82 51.46 -12.54
CA GLU C 181 -14.74 52.46 -13.05
C GLU C 181 -14.51 52.75 -14.52
N TYR C 182 -15.60 53.03 -15.22
CA TYR C 182 -15.62 53.32 -16.65
C TYR C 182 -16.43 54.59 -16.86
N PRO C 183 -16.27 55.24 -18.02
CA PRO C 183 -17.01 56.48 -18.28
C PRO C 183 -18.51 56.28 -18.15
N ALA C 184 -19.21 57.38 -17.85
CA ALA C 184 -20.66 57.32 -17.63
C ALA C 184 -21.38 56.91 -18.91
N GLU C 185 -21.10 57.62 -20.02
CA GLU C 185 -21.79 57.34 -21.28
C GLU C 185 -21.69 55.87 -21.67
N GLU C 186 -20.52 55.27 -21.46
CA GLU C 186 -20.33 53.87 -21.78
C GLU C 186 -20.99 53.00 -20.71
N ASN C 187 -21.39 51.80 -21.12
CA ASN C 187 -22.06 50.87 -20.22
C ASN C 187 -21.09 49.89 -19.56
N GLY C 188 -19.80 50.01 -19.82
CA GLY C 188 -18.85 49.13 -19.18
C GLY C 188 -17.46 49.32 -19.75
N PHE C 189 -16.59 48.36 -19.43
CA PHE C 189 -15.22 48.35 -19.91
C PHE C 189 -15.18 48.13 -21.41
N ARG C 190 -14.04 48.48 -22.01
CA ARG C 190 -13.84 48.20 -23.44
C ARG C 190 -13.92 46.71 -23.70
N TYR C 191 -13.15 45.92 -22.94
CA TYR C 191 -13.26 44.46 -22.95
C TYR C 191 -13.20 43.97 -21.52
N ILE C 192 -13.74 42.77 -21.30
CA ILE C 192 -13.78 42.15 -19.99
C ILE C 192 -12.60 41.20 -19.88
N PRO C 193 -11.64 41.45 -18.98
CA PRO C 193 -10.58 40.45 -18.76
C PRO C 193 -11.17 39.21 -18.10
N PHE C 194 -10.87 38.05 -18.68
CA PHE C 194 -11.37 36.79 -18.15
C PHE C 194 -10.47 35.67 -18.64
N ARG C 195 -10.50 34.56 -17.90
CA ARG C 195 -9.86 33.32 -18.32
C ARG C 195 -10.76 32.17 -17.92
N ILE C 196 -11.03 31.27 -18.87
CA ILE C 196 -11.87 30.11 -18.64
C ILE C 196 -10.95 28.89 -18.58
N TYR C 197 -10.91 28.24 -17.42
CA TYR C 197 -10.10 27.05 -17.21
C TYR C 197 -11.00 25.82 -17.31
N GLN C 198 -10.45 24.75 -17.85
CA GLN C 198 -11.17 23.50 -18.00
C GLN C 198 -10.21 22.35 -17.78
N THR C 199 -10.67 21.31 -17.09
CA THR C 199 -9.79 20.22 -16.70
C THR C 199 -9.48 19.31 -17.89
N THR C 200 -10.49 18.94 -18.66
CA THR C 200 -10.34 17.97 -19.73
C THR C 200 -9.93 18.58 -21.06
N THR C 201 -9.75 19.90 -21.12
CA THR C 201 -9.39 20.56 -22.37
C THR C 201 -7.88 20.36 -22.63
N GLU C 202 -7.39 21.01 -23.68
CA GLU C 202 -5.97 20.95 -24.05
C GLU C 202 -5.21 22.18 -23.56
N ARG C 203 -5.56 23.35 -24.10
CA ARG C 203 -4.88 24.58 -23.69
C ARG C 203 -5.15 24.86 -22.22
N PRO C 204 -4.17 25.42 -21.48
CA PRO C 204 -4.42 25.71 -20.06
C PRO C 204 -5.69 26.52 -19.81
N PHE C 205 -5.95 27.55 -20.62
CA PHE C 205 -7.15 28.35 -20.44
C PHE C 205 -7.51 29.02 -21.75
N ILE C 206 -8.74 29.51 -21.82
CA ILE C 206 -9.26 30.23 -22.98
C ILE C 206 -9.31 31.71 -22.63
N GLN C 207 -8.75 32.54 -23.51
CA GLN C 207 -8.80 34.00 -23.34
C GLN C 207 -9.07 34.62 -24.70
N LYS C 208 -10.15 35.41 -24.79
CA LYS C 208 -10.53 36.05 -26.04
C LYS C 208 -11.02 37.46 -25.72
N LEU C 209 -11.38 38.20 -26.76
CA LEU C 209 -11.89 39.57 -26.61
C LEU C 209 -13.40 39.50 -26.52
N PHE C 210 -13.95 39.97 -25.40
CA PHE C 210 -15.39 39.95 -25.19
C PHE C 210 -15.81 41.26 -24.54
N ARG C 211 -16.79 41.92 -25.13
CA ARG C 211 -17.29 43.20 -24.65
C ARG C 211 -18.39 43.01 -23.61
N PRO C 212 -18.49 43.93 -22.65
CA PRO C 212 -19.60 43.84 -21.69
C PRO C 212 -20.95 44.13 -22.30
N VAL C 213 -20.99 44.77 -23.47
CA VAL C 213 -22.23 45.21 -24.09
C VAL C 213 -22.35 44.55 -25.46
N ALA C 214 -23.58 44.25 -25.84
CA ALA C 214 -23.87 43.67 -27.14
C ALA C 214 -24.00 44.78 -28.18
N ALA C 215 -24.29 44.40 -29.42
CA ALA C 215 -24.40 45.39 -30.48
C ALA C 215 -25.56 46.34 -30.21
N ASP C 216 -26.69 45.83 -29.73
CA ASP C 216 -27.86 46.66 -29.46
C ASP C 216 -27.69 47.53 -28.21
N GLY C 217 -26.64 47.30 -27.41
CA GLY C 217 -26.41 48.06 -26.21
C GLY C 217 -26.76 47.33 -24.92
N GLN C 218 -27.37 46.16 -25.02
CA GLN C 218 -27.74 45.39 -23.84
C GLN C 218 -26.50 44.74 -23.22
N LEU C 219 -26.53 44.58 -21.90
CA LEU C 219 -25.40 44.00 -21.18
C LEU C 219 -25.27 42.51 -21.48
N HIS C 220 -24.04 42.06 -21.67
CA HIS C 220 -23.76 40.64 -21.83
C HIS C 220 -23.79 39.92 -20.49
N THR C 221 -24.30 38.70 -20.50
CA THR C 221 -24.40 37.88 -19.29
C THR C 221 -23.29 36.83 -19.30
N LEU C 222 -23.22 36.05 -18.21
CA LEU C 222 -22.24 34.98 -18.13
C LEU C 222 -22.50 33.90 -19.17
N GLY C 223 -23.77 33.64 -19.49
CA GLY C 223 -24.08 32.66 -20.51
C GLY C 223 -23.70 33.14 -21.90
N ASP C 224 -23.88 34.45 -22.16
CA ASP C 224 -23.47 35.00 -23.45
C ASP C 224 -21.97 34.79 -23.66
N LEU C 225 -21.18 34.95 -22.60
CA LEU C 225 -19.74 34.69 -22.70
C LEU C 225 -19.47 33.24 -23.04
N LEU C 226 -20.09 32.31 -22.31
CA LEU C 226 -19.85 30.89 -22.53
C LEU C 226 -20.35 30.47 -23.91
N LYS C 227 -21.56 30.88 -24.28
CA LYS C 227 -22.08 30.54 -25.60
C LYS C 227 -21.13 30.97 -26.70
N GLU C 228 -20.33 32.00 -26.46
CA GLU C 228 -19.38 32.48 -27.46
C GLU C 228 -18.07 31.69 -27.42
N VAL C 229 -17.30 31.83 -26.34
CA VAL C 229 -15.96 31.26 -26.29
C VAL C 229 -15.91 29.83 -25.79
N CYS C 230 -16.97 29.33 -25.17
CA CYS C 230 -16.98 27.97 -24.61
C CYS C 230 -18.37 27.36 -24.79
N PRO C 231 -18.76 27.12 -26.05
CA PRO C 231 -20.13 26.63 -26.29
C PRO C 231 -20.38 25.23 -25.78
N SER C 232 -19.34 24.44 -25.53
CA SER C 232 -19.52 23.05 -25.14
C SER C 232 -19.83 22.87 -23.65
N ALA C 233 -19.85 23.96 -22.87
CA ALA C 233 -20.16 23.87 -21.46
C ALA C 233 -21.65 23.97 -21.17
N ILE C 234 -22.47 24.36 -22.15
CA ILE C 234 -23.91 24.46 -21.99
C ILE C 234 -24.54 23.32 -22.76
N ASP C 235 -24.85 22.22 -22.07
CA ASP C 235 -25.57 21.10 -22.69
C ASP C 235 -27.03 21.09 -22.26
N LYS C 242 -23.45 17.20 -17.56
CA LYS C 242 -23.56 18.59 -17.16
C LYS C 242 -22.25 19.11 -16.58
N ASN C 243 -22.07 20.42 -16.64
CA ASN C 243 -20.86 21.08 -16.18
C ASN C 243 -21.19 22.14 -15.13
N GLN C 244 -20.20 22.44 -14.30
CA GLN C 244 -20.29 23.48 -13.29
C GLN C 244 -19.46 24.66 -13.73
N VAL C 245 -20.03 25.86 -13.68
CA VAL C 245 -19.30 27.10 -13.91
C VAL C 245 -19.08 27.73 -12.54
N MET C 246 -17.83 27.69 -12.07
CA MET C 246 -17.52 28.03 -10.69
C MET C 246 -16.56 29.22 -10.65
N ILE C 247 -16.94 30.25 -9.90
CA ILE C 247 -16.14 31.44 -9.71
C ILE C 247 -16.06 31.72 -8.22
N HIS C 248 -14.85 31.74 -7.68
CA HIS C 248 -14.65 31.96 -6.24
C HIS C 248 -15.46 30.96 -5.41
N GLY C 249 -15.58 29.74 -5.92
CA GLY C 249 -16.19 28.66 -5.17
C GLY C 249 -17.71 28.63 -5.20
N ILE C 250 -18.34 29.51 -5.98
CA ILE C 250 -19.80 29.52 -6.08
C ILE C 250 -20.18 29.27 -7.53
N GLU C 251 -21.48 29.17 -7.80
CA GLU C 251 -22.00 28.82 -9.11
C GLU C 251 -23.01 29.89 -9.52
N PRO C 252 -22.55 31.01 -10.06
CA PRO C 252 -23.48 32.10 -10.39
C PRO C 252 -24.46 31.69 -11.49
N MET C 253 -25.64 32.29 -11.43
CA MET C 253 -26.63 32.10 -12.49
C MET C 253 -26.07 32.60 -13.83
N LEU C 254 -26.46 31.91 -14.91
CA LEU C 254 -25.98 32.30 -16.24
C LEU C 254 -26.51 33.66 -16.66
N GLU C 255 -27.56 34.16 -16.02
CA GLU C 255 -28.10 35.47 -16.35
C GLU C 255 -27.37 36.61 -15.66
N THR C 256 -26.35 36.31 -14.88
CA THR C 256 -25.61 37.34 -14.16
C THR C 256 -24.96 38.29 -15.17
N PRO C 257 -25.13 39.61 -15.02
CA PRO C 257 -24.43 40.54 -15.93
C PRO C 257 -22.93 40.37 -15.84
N LEU C 258 -22.28 40.27 -17.01
CA LEU C 258 -20.84 40.06 -17.03
C LEU C 258 -20.08 41.28 -16.51
N GLN C 259 -20.52 42.49 -16.88
CA GLN C 259 -19.88 43.69 -16.38
C GLN C 259 -19.83 43.71 -14.86
N TRP C 260 -20.94 43.35 -14.21
CA TRP C 260 -20.96 43.32 -12.75
C TRP C 260 -19.97 42.31 -12.21
N LEU C 261 -19.93 41.12 -12.80
CA LEU C 261 -18.98 40.11 -12.36
C LEU C 261 -17.56 40.61 -12.46
N SER C 262 -17.22 41.30 -13.55
CA SER C 262 -15.85 41.78 -13.73
C SER C 262 -15.44 42.72 -12.61
N GLU C 263 -16.34 43.60 -12.18
CA GLU C 263 -16.00 44.54 -11.12
C GLU C 263 -15.88 43.84 -9.78
N HIS C 264 -16.94 43.16 -9.36
CA HIS C 264 -17.05 42.63 -8.00
C HIS C 264 -16.40 41.27 -7.79
N LEU C 265 -16.57 40.33 -8.72
CA LEU C 265 -16.13 38.96 -8.52
C LEU C 265 -14.74 38.67 -9.11
N SER C 266 -14.05 39.68 -9.63
CA SER C 266 -12.69 39.47 -10.11
C SER C 266 -11.73 39.29 -8.94
N TYR C 267 -10.58 38.70 -9.26
CA TYR C 267 -9.49 38.56 -8.30
C TYR C 267 -8.71 39.87 -8.20
N PRO C 268 -7.85 40.00 -7.18
CA PRO C 268 -7.08 41.24 -7.01
C PRO C 268 -6.27 41.64 -8.25
N ASP C 269 -6.02 40.70 -9.14
CA ASP C 269 -5.35 41.02 -10.39
C ASP C 269 -6.32 41.52 -11.45
N ASN C 270 -7.58 41.71 -11.08
CA ASN C 270 -8.62 42.24 -11.96
C ASN C 270 -8.91 41.34 -13.15
N PHE C 271 -8.62 40.05 -13.00
CA PHE C 271 -8.98 39.04 -13.98
C PHE C 271 -10.12 38.19 -13.45
N LEU C 272 -10.98 37.74 -14.35
CA LEU C 272 -12.09 36.88 -13.99
C LEU C 272 -11.69 35.44 -14.32
N HIS C 273 -11.40 34.66 -13.28
CA HIS C 273 -10.94 33.29 -13.44
C HIS C 273 -12.14 32.37 -13.30
N ILE C 274 -12.51 31.70 -14.39
CA ILE C 274 -13.69 30.85 -14.43
C ILE C 274 -13.25 29.41 -14.61
N SER C 275 -13.86 28.52 -13.83
CA SER C 275 -13.53 27.10 -13.85
C SER C 275 -14.71 26.29 -14.37
N ILE C 276 -14.43 25.36 -15.27
CA ILE C 276 -15.43 24.43 -15.81
C ILE C 276 -15.05 23.04 -15.32
N ILE C 277 -15.87 22.47 -14.45
CA ILE C 277 -15.61 21.15 -13.87
C ILE C 277 -16.86 20.30 -14.04
N PRO C 278 -16.75 18.98 -14.17
CA PRO C 278 -17.95 18.15 -14.32
C PRO C 278 -18.81 18.18 -13.05
N GLN C 279 -20.07 17.79 -13.23
CA GLN C 279 -20.98 17.76 -12.10
C GLN C 279 -20.52 16.75 -11.07
N PRO C 280 -20.59 17.06 -9.78
CA PRO C 280 -20.22 16.07 -8.75
C PRO C 280 -21.12 14.84 -8.82
N THR C 281 -20.64 13.76 -8.21
CA THR C 281 -21.43 12.54 -8.10
C THR C 281 -21.54 12.11 -6.63
N GLY D 2 -34.46 50.26 -3.72
CA GLY D 2 -34.12 49.52 -4.93
C GLY D 2 -33.79 48.07 -4.66
N GLY D 3 -34.79 47.21 -4.81
CA GLY D 3 -34.63 45.81 -4.45
C GLY D 3 -33.47 45.16 -5.18
N ARG D 4 -32.88 44.14 -4.54
CA ARG D 4 -31.77 43.40 -5.10
C ARG D 4 -32.28 42.28 -6.00
N PRO D 5 -31.87 42.22 -7.27
CA PRO D 5 -32.37 41.15 -8.15
C PRO D 5 -31.94 39.78 -7.66
N ARG D 6 -32.57 38.76 -8.26
CA ARG D 6 -32.36 37.38 -7.84
C ARG D 6 -30.90 36.95 -8.03
N TRP D 7 -30.34 37.25 -9.20
CA TRP D 7 -28.97 36.79 -9.49
C TRP D 7 -27.96 37.39 -8.53
N LYS D 8 -28.19 38.63 -8.09
CA LYS D 8 -27.29 39.22 -7.10
C LYS D 8 -27.51 38.60 -5.73
N ARG D 9 -28.78 38.49 -5.32
CA ARG D 9 -29.08 37.82 -4.06
C ARG D 9 -28.53 36.41 -4.05
N HIS D 10 -28.57 35.72 -5.19
CA HIS D 10 -28.04 34.37 -5.27
C HIS D 10 -26.54 34.34 -4.99
N ILE D 11 -25.81 35.33 -5.52
CA ILE D 11 -24.36 35.37 -5.30
C ILE D 11 -24.05 35.66 -3.83
N SER D 12 -24.85 36.53 -3.20
CA SER D 12 -24.62 36.83 -1.79
C SER D 12 -24.86 35.60 -0.92
N GLU D 13 -25.90 34.82 -1.21
CA GLU D 13 -26.18 33.63 -0.42
C GLU D 13 -25.09 32.58 -0.61
N GLN D 14 -24.73 32.28 -1.86
CA GLN D 14 -23.74 31.25 -2.13
C GLN D 14 -22.39 31.60 -1.49
N LEU D 15 -22.03 32.89 -1.48
CA LEU D 15 -20.78 33.27 -0.85
C LEU D 15 -20.83 33.04 0.66
N ARG D 16 -21.96 33.35 1.29
CA ARG D 16 -22.12 33.08 2.71
C ARG D 16 -22.19 31.58 2.97
N ARG D 17 -22.83 30.83 2.07
CA ARG D 17 -22.83 29.37 2.20
C ARG D 17 -21.43 28.80 2.05
N ARG D 18 -20.65 29.33 1.10
CA ARG D 18 -19.28 28.88 0.92
C ARG D 18 -18.47 29.08 2.18
N ASP D 19 -18.59 30.25 2.81
CA ASP D 19 -17.82 30.53 4.01
C ASP D 19 -18.25 29.65 5.17
N ARG D 20 -19.49 29.16 5.16
CA ARG D 20 -19.96 28.29 6.24
C ARG D 20 -19.36 26.90 6.12
N LEU D 21 -19.27 26.35 4.90
CA LEU D 21 -18.77 25.00 4.70
C LEU D 21 -17.26 24.93 4.71
N GLN D 22 -16.57 26.02 4.36
CA GLN D 22 -15.12 26.01 4.18
C GLN D 22 -14.40 26.73 5.31
N ARG D 23 -14.65 28.02 5.52
CA ARG D 23 -13.90 28.78 6.52
C ARG D 23 -14.41 28.50 7.93
N GLN D 24 -15.67 28.86 8.20
CA GLN D 24 -16.18 28.81 9.57
C GLN D 24 -16.04 27.42 10.18
N ALA D 25 -15.98 26.38 9.35
CA ALA D 25 -15.89 25.02 9.89
C ALA D 25 -14.51 24.75 10.48
N PHE D 26 -13.47 25.05 9.73
CA PHE D 26 -12.11 24.72 10.12
C PHE D 26 -11.34 25.88 10.74
N GLU D 27 -11.95 27.06 10.84
CA GLU D 27 -11.20 28.23 11.30
C GLU D 27 -10.69 28.06 12.72
N GLU D 28 -11.56 27.61 13.64
CA GLU D 28 -11.16 27.55 15.04
C GLU D 28 -10.30 26.33 15.33
N ILE D 29 -10.60 25.18 14.71
CA ILE D 29 -9.82 23.99 14.98
C ILE D 29 -8.39 24.15 14.47
N ILE D 30 -8.22 24.72 13.28
CA ILE D 30 -6.87 24.95 12.76
C ILE D 30 -6.12 25.90 13.67
N LEU D 31 -6.79 26.95 14.15
CA LEU D 31 -6.17 27.86 15.10
C LEU D 31 -5.74 27.10 16.36
N GLN D 32 -6.66 26.33 16.94
CA GLN D 32 -6.32 25.56 18.13
C GLN D 32 -5.24 24.54 17.83
N TYR D 33 -5.27 23.96 16.63
CA TYR D 33 -4.24 22.98 16.25
C TYR D 33 -2.87 23.65 16.13
N ASN D 34 -2.79 24.71 15.33
CA ASN D 34 -1.50 25.37 15.12
C ASN D 34 -0.93 25.91 16.43
N LYS D 35 -1.78 26.24 17.39
CA LYS D 35 -1.30 26.70 18.69
C LYS D 35 -0.50 25.59 19.39
N LEU D 36 -1.06 24.37 19.40
CA LEU D 36 -0.36 23.26 20.05
C LEU D 36 0.93 22.92 19.31
N LEU D 37 0.95 23.04 17.99
CA LEU D 37 2.15 22.73 17.23
C LEU D 37 3.29 23.66 17.62
N GLU D 38 3.08 24.97 17.48
CA GLU D 38 4.13 25.94 17.80
C GLU D 38 4.60 25.80 19.24
N LYS D 39 3.71 25.38 20.15
CA LYS D 39 4.08 25.23 21.55
C LYS D 39 5.24 24.24 21.71
N SER D 40 5.08 23.03 21.18
CA SER D 40 6.11 22.00 21.31
C SER D 40 7.02 21.91 20.09
N ASP D 41 6.83 22.78 19.09
CA ASP D 41 7.67 22.73 17.89
C ASP D 41 9.06 23.25 18.20
N ASP E 10 -27.11 -5.17 -0.80
CA ASP E 10 -28.22 -4.22 -0.87
C ASP E 10 -28.91 -4.09 0.48
N ASP E 11 -29.12 -2.84 0.89
CA ASP E 11 -29.72 -2.46 2.17
C ASP E 11 -28.76 -2.64 3.33
N LYS E 12 -27.71 -3.47 3.16
CA LYS E 12 -26.70 -3.59 4.20
C LYS E 12 -25.90 -2.29 4.33
N ASP E 13 -25.76 -1.54 3.23
CA ASP E 13 -25.01 -0.29 3.26
C ASP E 13 -25.71 0.77 4.09
N VAL E 14 -27.05 0.80 4.07
CA VAL E 14 -27.77 1.80 4.84
C VAL E 14 -27.59 1.57 6.34
N LEU E 15 -27.66 0.31 6.78
CA LEU E 15 -27.48 0.01 8.20
C LEU E 15 -26.12 0.47 8.70
N ARG E 16 -25.05 0.06 8.00
CA ARG E 16 -23.71 0.46 8.40
C ARG E 16 -23.55 1.98 8.35
N ASP E 17 -24.06 2.62 7.29
CA ASP E 17 -23.95 4.07 7.20
C ASP E 17 -24.68 4.75 8.34
N VAL E 18 -25.85 4.23 8.73
CA VAL E 18 -26.59 4.80 9.85
C VAL E 18 -25.87 4.51 11.16
N TRP E 19 -25.35 3.30 11.32
CA TRP E 19 -24.69 2.93 12.56
C TRP E 19 -23.42 3.72 12.78
N PHE E 20 -22.65 3.95 11.71
CA PHE E 20 -21.33 4.59 11.83
C PHE E 20 -21.39 6.09 11.65
N GLY E 21 -22.57 6.68 11.51
CA GLY E 21 -22.66 8.13 11.40
C GLY E 21 -22.00 8.80 12.59
N ARG E 22 -21.22 9.85 12.30
CA ARG E 22 -20.49 10.58 13.32
C ARG E 22 -20.81 12.05 13.22
N ILE E 23 -20.75 12.73 14.36
CA ILE E 23 -20.95 14.17 14.44
C ILE E 23 -19.67 14.79 14.97
N PRO E 24 -18.97 15.64 14.20
CA PRO E 24 -17.80 16.33 14.75
C PRO E 24 -18.23 17.31 15.84
N THR E 25 -17.55 17.24 16.97
CA THR E 25 -17.97 17.98 18.15
C THR E 25 -16.76 18.63 18.80
N CYS E 26 -16.98 19.83 19.33
CA CYS E 26 -15.95 20.60 20.02
C CYS E 26 -16.45 20.84 21.44
N PHE E 27 -15.75 20.27 22.42
CA PHE E 27 -16.08 20.46 23.83
C PHE E 27 -15.17 21.56 24.36
N THR E 28 -15.77 22.70 24.72
CA THR E 28 -15.05 23.85 25.23
C THR E 28 -15.49 24.10 26.67
N LEU E 29 -14.53 24.32 27.56
CA LEU E 29 -14.86 24.53 28.96
C LEU E 29 -15.48 25.91 29.14
N TYR E 30 -16.56 25.96 29.91
CA TYR E 30 -17.23 27.22 30.17
C TYR E 30 -16.26 28.20 30.80
N GLN E 31 -16.40 29.47 30.44
CA GLN E 31 -15.42 30.49 30.83
C GLN E 31 -15.46 30.81 32.32
N ASP E 32 -16.57 30.55 33.00
CA ASP E 32 -16.62 30.80 34.44
C ASP E 32 -15.83 29.77 35.23
N GLU E 33 -15.48 28.64 34.61
CA GLU E 33 -14.77 27.58 35.30
C GLU E 33 -13.35 28.01 35.68
N ILE E 34 -12.97 27.68 36.91
CA ILE E 34 -11.66 28.01 37.46
C ILE E 34 -10.70 26.89 37.09
N THR E 35 -9.56 27.25 36.49
CA THR E 35 -8.61 26.25 36.03
C THR E 35 -7.22 26.55 36.59
N GLU E 36 -6.43 25.49 36.75
CA GLU E 36 -5.04 25.64 37.19
C GLU E 36 -4.13 26.07 36.04
N ARG E 37 -4.46 25.62 34.83
CA ARG E 37 -3.73 25.98 33.63
C ARG E 37 -4.73 26.17 32.49
N GLU E 38 -4.23 26.53 31.32
CA GLU E 38 -5.12 26.71 30.17
C GLU E 38 -5.74 25.38 29.77
N ALA E 39 -7.05 25.41 29.51
CA ALA E 39 -7.80 24.21 29.15
C ALA E 39 -8.14 24.29 27.66
N GLU E 40 -7.50 23.46 26.87
CA GLU E 40 -7.78 23.45 25.45
C GLU E 40 -9.05 22.67 25.16
N PRO E 41 -9.79 23.04 24.13
CA PRO E 41 -11.01 22.28 23.78
C PRO E 41 -10.66 20.86 23.39
N TYR E 42 -11.61 19.95 23.63
CA TYR E 42 -11.45 18.53 23.34
C TYR E 42 -12.33 18.20 22.14
N TYR E 43 -11.70 17.87 21.01
CA TYR E 43 -12.41 17.54 19.79
C TYR E 43 -12.62 16.03 19.71
N LEU E 44 -13.83 15.64 19.33
CA LEU E 44 -14.21 14.24 19.33
C LEU E 44 -15.27 14.00 18.26
N LEU E 45 -15.23 12.80 17.66
CA LEU E 45 -16.27 12.36 16.74
C LEU E 45 -17.29 11.55 17.55
N LEU E 46 -18.49 12.09 17.68
CA LEU E 46 -19.50 11.43 18.49
C LEU E 46 -20.37 10.53 17.62
N PRO E 47 -20.65 9.29 18.04
CA PRO E 47 -21.60 8.47 17.28
C PRO E 47 -23.00 9.05 17.34
N ARG E 48 -23.65 9.14 16.17
CA ARG E 48 -25.00 9.67 16.12
C ARG E 48 -25.98 8.80 16.91
N VAL E 49 -25.71 7.49 16.98
CA VAL E 49 -26.65 6.55 17.56
C VAL E 49 -26.45 6.32 19.06
N SER E 50 -25.35 6.81 19.64
CA SER E 50 -25.07 6.58 21.05
C SER E 50 -25.61 7.73 21.88
N TYR E 51 -25.25 7.75 23.16
CA TYR E 51 -25.71 8.75 24.11
C TYR E 51 -24.55 9.50 24.72
N LEU E 52 -24.80 10.74 25.14
CA LEU E 52 -23.75 11.57 25.69
C LEU E 52 -23.09 10.91 26.91
N THR E 53 -23.91 10.46 27.86
CA THR E 53 -23.36 9.88 29.09
C THR E 53 -22.41 8.73 28.81
N LEU E 54 -22.57 8.07 27.66
CA LEU E 54 -21.79 6.86 27.40
C LEU E 54 -20.38 7.18 26.92
N VAL E 55 -20.24 8.07 25.94
CA VAL E 55 -18.97 8.27 25.25
C VAL E 55 -18.18 9.45 25.78
N THR E 56 -18.68 10.16 26.80
CA THR E 56 -18.05 11.39 27.25
C THR E 56 -17.09 11.19 28.41
N ASP E 57 -16.85 9.95 28.84
CA ASP E 57 -15.91 9.72 29.95
C ASP E 57 -14.56 10.35 29.65
N LYS E 58 -14.12 10.28 28.39
CA LYS E 58 -12.84 10.87 28.00
C LYS E 58 -12.85 12.39 28.16
N VAL E 59 -13.99 13.03 27.92
CA VAL E 59 -14.07 14.48 28.07
C VAL E 59 -13.88 14.86 29.54
N LYS E 60 -14.56 14.15 30.44
CA LYS E 60 -14.46 14.45 31.86
C LYS E 60 -13.01 14.34 32.33
N LYS E 61 -12.30 13.29 31.90
CA LYS E 61 -10.91 13.11 32.31
C LYS E 61 -10.00 14.22 31.78
N HIS E 62 -10.28 14.73 30.58
CA HIS E 62 -9.42 15.75 30.00
C HIS E 62 -9.45 17.04 30.81
N PHE E 63 -10.65 17.54 31.11
CA PHE E 63 -10.79 18.81 31.81
C PHE E 63 -10.52 18.69 33.30
N GLN E 64 -10.55 17.49 33.87
CA GLN E 64 -10.24 17.32 35.28
C GLN E 64 -8.74 17.43 35.56
N LYS E 65 -7.90 17.25 34.54
CA LYS E 65 -6.46 17.39 34.73
C LYS E 65 -6.07 18.85 34.96
N VAL E 66 -6.83 19.79 34.39
CA VAL E 66 -6.50 21.21 34.47
C VAL E 66 -7.24 21.92 35.59
N MET E 67 -8.01 21.19 36.39
CA MET E 67 -8.83 21.78 37.45
C MET E 67 -8.41 21.21 38.80
N ARG E 68 -8.74 21.95 39.85
CA ARG E 68 -8.50 21.50 41.20
C ARG E 68 -9.64 20.59 41.66
N GLN E 69 -9.29 19.56 42.43
CA GLN E 69 -10.30 18.61 42.88
C GLN E 69 -11.45 19.29 43.61
N GLU E 70 -11.20 20.46 44.20
CA GLU E 70 -12.26 21.17 44.92
C GLU E 70 -13.25 21.84 43.98
N ASP E 71 -12.89 22.08 42.73
CA ASP E 71 -13.75 22.77 41.78
C ASP E 71 -14.58 21.85 40.92
N ILE E 72 -14.44 20.53 41.08
CA ILE E 72 -15.13 19.57 40.23
C ILE E 72 -16.46 19.19 40.88
N SER E 73 -17.49 19.05 40.04
CA SER E 73 -18.80 18.61 40.47
C SER E 73 -19.40 17.80 39.33
N GLU E 74 -20.70 17.50 39.44
CA GLU E 74 -21.36 16.72 38.40
C GLU E 74 -21.25 17.42 37.05
N ILE E 75 -20.55 16.79 36.11
CA ILE E 75 -20.37 17.36 34.78
C ILE E 75 -21.72 17.40 34.05
N TRP E 76 -21.95 18.48 33.31
CA TRP E 76 -23.11 18.55 32.43
C TRP E 76 -22.74 19.40 31.22
N PHE E 77 -23.50 19.21 30.13
CA PHE E 77 -23.22 19.85 28.85
C PHE E 77 -24.39 20.73 28.45
N GLU E 78 -24.10 21.75 27.65
CA GLU E 78 -25.10 22.73 27.24
C GLU E 78 -24.78 23.25 25.84
N TYR E 79 -25.82 23.51 25.05
CA TYR E 79 -25.67 24.09 23.72
C TYR E 79 -26.60 25.28 23.58
N GLU E 80 -26.03 26.45 23.33
CA GLU E 80 -26.79 27.68 23.10
C GLU E 80 -27.79 27.93 24.22
N GLY E 81 -27.32 27.83 25.46
CA GLY E 81 -28.13 28.08 26.62
C GLY E 81 -29.13 26.99 26.96
N THR E 82 -29.20 25.92 26.17
CA THR E 82 -30.13 24.83 26.42
C THR E 82 -29.35 23.63 26.96
N PRO E 83 -29.65 23.13 28.15
CA PRO E 83 -28.97 21.92 28.62
C PRO E 83 -29.33 20.70 27.78
N LEU E 84 -28.31 19.91 27.46
CA LEU E 84 -28.50 18.73 26.62
C LEU E 84 -28.96 17.56 27.48
N LYS E 85 -30.05 16.92 27.06
CA LYS E 85 -30.60 15.79 27.80
C LYS E 85 -29.73 14.56 27.64
N TRP E 86 -29.56 13.82 28.73
CA TRP E 86 -28.67 12.66 28.73
C TRP E 86 -29.22 11.52 27.88
N HIS E 87 -30.54 11.29 27.94
CA HIS E 87 -31.14 10.08 27.40
C HIS E 87 -31.59 10.22 25.95
N TYR E 88 -31.43 11.45 25.31
CA TYR E 88 -31.70 11.49 23.88
C TYR E 88 -30.44 11.12 23.09
N PRO E 89 -30.58 10.40 21.98
CA PRO E 89 -29.39 10.05 21.19
C PRO E 89 -28.69 11.30 20.66
N ILE E 90 -27.36 11.18 20.53
CA ILE E 90 -26.54 12.31 20.11
C ILE E 90 -27.01 12.84 18.77
N GLY E 91 -27.24 11.94 17.81
CA GLY E 91 -27.68 12.37 16.49
C GLY E 91 -28.94 13.22 16.54
N LEU E 92 -29.89 12.84 17.40
CA LEU E 92 -31.13 13.60 17.53
C LEU E 92 -30.88 15.00 18.07
N LEU E 93 -30.11 15.10 19.16
CA LEU E 93 -29.84 16.41 19.75
C LEU E 93 -29.23 17.36 18.72
N PHE E 94 -28.30 16.87 17.90
CA PHE E 94 -27.67 17.72 16.89
C PHE E 94 -28.65 18.08 15.79
N ASP E 95 -29.31 17.08 15.21
CA ASP E 95 -30.28 17.35 14.15
C ASP E 95 -31.29 18.41 14.59
N LEU E 96 -31.75 18.30 15.84
CA LEU E 96 -32.83 19.16 16.31
C LEU E 96 -32.34 20.55 16.70
N LEU E 97 -31.10 20.65 17.18
CA LEU E 97 -30.59 21.90 17.74
C LEU E 97 -29.54 22.56 16.85
N ALA E 98 -28.39 21.90 16.64
CA ALA E 98 -27.24 22.52 16.00
C ALA E 98 -27.14 22.25 14.50
N SER E 99 -28.10 21.52 13.92
CA SER E 99 -27.98 21.14 12.51
C SER E 99 -27.90 22.36 11.60
N SER E 100 -28.55 23.45 11.99
CA SER E 100 -28.60 24.65 11.16
C SER E 100 -27.34 25.49 11.27
N SER E 101 -26.47 25.22 12.24
CA SER E 101 -25.27 26.02 12.44
C SER E 101 -24.10 25.40 11.69
N ALA E 102 -22.95 26.07 11.75
CA ALA E 102 -21.74 25.61 11.10
C ALA E 102 -21.04 24.59 11.97
N LEU E 103 -20.45 23.59 11.32
CA LEU E 103 -19.66 22.60 12.04
C LEU E 103 -18.40 23.28 12.57
N PRO E 104 -17.74 22.69 13.58
CA PRO E 104 -18.16 21.51 14.34
C PRO E 104 -19.25 21.85 15.36
N TRP E 105 -19.94 20.84 15.88
CA TRP E 105 -20.89 21.06 16.95
C TRP E 105 -20.18 21.63 18.16
N ASN E 106 -20.64 22.79 18.65
CA ASN E 106 -19.99 23.47 19.76
C ASN E 106 -20.79 23.21 21.04
N ILE E 107 -20.22 22.40 21.92
CA ILE E 107 -20.84 22.04 23.18
C ILE E 107 -20.02 22.63 24.31
N THR E 108 -20.68 23.26 25.28
CA THR E 108 -20.01 23.87 26.41
C THR E 108 -20.07 22.92 27.60
N VAL E 109 -18.92 22.74 28.25
CA VAL E 109 -18.78 21.84 29.40
C VAL E 109 -18.88 22.66 30.68
N HIS E 110 -19.77 22.27 31.58
CA HIS E 110 -19.96 22.94 32.85
C HIS E 110 -19.68 21.95 33.97
N PHE E 111 -18.75 22.31 34.86
CA PHE E 111 -18.51 21.56 36.09
C PHE E 111 -19.17 22.21 37.31
N LYS E 112 -19.89 23.31 37.13
CA LYS E 112 -20.44 24.05 38.26
C LYS E 112 -21.85 24.50 37.91
N SER E 113 -22.63 24.79 38.96
CA SER E 113 -23.99 25.33 38.84
C SER E 113 -24.87 24.38 38.00
N PHE E 114 -25.09 23.20 38.56
CA PHE E 114 -25.94 22.23 37.89
C PHE E 114 -27.38 22.72 37.88
N PRO E 115 -28.13 22.74 36.60
CA PRO E 115 -29.53 23.20 36.56
C PRO E 115 -30.49 22.16 37.12
N GLU E 116 -30.60 22.15 38.46
CA GLU E 116 -31.44 21.17 39.13
C GLU E 116 -32.85 21.14 38.55
N LYS E 117 -33.36 22.30 38.13
CA LYS E 117 -34.74 22.39 37.65
C LYS E 117 -34.87 21.84 36.23
N ASP E 118 -33.90 22.14 35.37
CA ASP E 118 -34.01 21.86 33.95
C ASP E 118 -33.29 20.58 33.49
N LEU E 119 -32.61 19.87 34.40
CA LEU E 119 -31.83 18.69 34.00
C LEU E 119 -32.02 17.54 34.98
N LEU E 120 -31.73 16.35 34.46
CA LEU E 120 -31.64 15.13 35.25
C LEU E 120 -30.17 14.85 35.54
N HIS E 121 -29.87 14.49 36.78
CA HIS E 121 -28.51 14.14 37.14
C HIS E 121 -28.07 12.91 36.35
N CYS E 122 -26.85 12.97 35.81
CA CYS E 122 -26.33 11.86 35.04
C CYS E 122 -26.52 10.54 35.78
N PRO E 123 -27.25 9.59 35.21
CA PRO E 123 -27.46 8.31 35.89
C PRO E 123 -26.25 7.40 35.79
N SER E 124 -26.24 6.37 36.63
CA SER E 124 -25.19 5.36 36.58
C SER E 124 -25.27 4.60 35.26
N LYS E 125 -24.18 3.90 34.94
CA LYS E 125 -24.18 3.11 33.71
C LYS E 125 -25.27 2.03 33.72
N ASP E 126 -25.57 1.46 34.89
CA ASP E 126 -26.63 0.47 34.97
C ASP E 126 -27.98 1.08 34.63
N ALA E 127 -28.25 2.29 35.13
CA ALA E 127 -29.51 2.97 34.85
C ALA E 127 -29.65 3.33 33.38
N ILE E 128 -28.53 3.56 32.69
CA ILE E 128 -28.59 3.86 31.26
C ILE E 128 -28.95 2.60 30.48
N GLU E 129 -28.34 1.48 30.84
CA GLU E 129 -28.71 0.20 30.23
C GLU E 129 -30.18 -0.09 30.46
N ALA E 130 -30.70 0.26 31.64
CA ALA E 130 -32.10 0.03 31.94
C ALA E 130 -33.00 0.85 31.01
N HIS E 131 -32.70 2.14 30.85
CA HIS E 131 -33.52 2.98 29.98
C HIS E 131 -33.43 2.50 28.53
N PHE E 132 -32.25 2.07 28.10
CA PHE E 132 -32.10 1.62 26.72
C PHE E 132 -33.00 0.43 26.45
N MET E 133 -32.94 -0.60 27.30
CA MET E 133 -33.79 -1.76 27.10
C MET E 133 -35.26 -1.40 27.21
N SER E 134 -35.59 -0.43 28.07
CA SER E 134 -36.98 0.02 28.16
C SER E 134 -37.48 0.51 26.81
N CYS E 135 -36.67 1.31 26.11
CA CYS E 135 -37.06 1.78 24.79
C CYS E 135 -37.17 0.63 23.81
N MET E 136 -36.32 -0.39 23.95
CA MET E 136 -36.43 -1.56 23.10
C MET E 136 -37.73 -2.31 23.38
N LYS E 137 -38.01 -2.58 24.65
CA LYS E 137 -39.26 -3.25 25.00
C LYS E 137 -40.47 -2.45 24.54
N GLU E 138 -40.45 -1.14 24.74
CA GLU E 138 -41.56 -0.30 24.31
C GLU E 138 -41.71 -0.33 22.80
N ALA E 139 -40.60 -0.40 22.06
CA ALA E 139 -40.67 -0.48 20.61
C ALA E 139 -41.19 -1.84 20.15
N ASP E 140 -40.63 -2.92 20.71
CA ASP E 140 -41.08 -4.27 20.35
C ASP E 140 -42.51 -4.53 20.78
N ALA E 141 -43.01 -3.80 21.77
CA ALA E 141 -44.42 -3.92 22.15
C ALA E 141 -45.33 -3.32 21.09
N LEU E 142 -44.88 -2.26 20.42
CA LEU E 142 -45.67 -1.63 19.36
C LEU E 142 -45.63 -2.43 18.07
N LYS E 143 -44.60 -3.24 17.85
CA LYS E 143 -44.48 -4.01 16.61
C LYS E 143 -45.06 -5.42 16.80
N HIS E 144 -44.39 -6.25 17.60
CA HIS E 144 -44.75 -7.64 17.75
C HIS E 144 -45.59 -7.94 19.00
N LYS E 145 -45.97 -6.91 19.77
CA LYS E 145 -46.64 -7.12 21.06
C LYS E 145 -45.69 -7.81 22.05
N SER E 146 -44.41 -7.41 22.01
CA SER E 146 -43.38 -7.92 22.90
C SER E 146 -43.17 -9.43 22.76
N GLN E 147 -43.54 -10.00 21.62
CA GLN E 147 -43.37 -11.43 21.42
C GLN E 147 -41.92 -11.79 21.10
N VAL E 148 -41.21 -10.92 20.37
CA VAL E 148 -39.84 -11.22 19.99
C VAL E 148 -38.87 -10.94 21.14
N ILE E 149 -39.08 -9.84 21.87
CA ILE E 149 -38.15 -9.46 22.92
C ILE E 149 -38.32 -10.34 24.16
N ASN E 150 -39.54 -10.83 24.41
CA ASN E 150 -39.75 -11.71 25.56
C ASN E 150 -39.14 -13.09 25.32
N GLU E 151 -39.02 -13.49 24.06
CA GLU E 151 -38.40 -14.75 23.68
C GLU E 151 -36.89 -14.63 23.55
N MET E 152 -36.33 -13.45 23.81
CA MET E 152 -34.89 -13.25 23.77
C MET E 152 -34.28 -13.58 25.12
N GLN E 153 -33.21 -14.36 25.10
CA GLN E 153 -32.55 -14.78 26.33
C GLN E 153 -31.88 -13.59 27.01
N LYS E 154 -31.70 -13.70 28.33
CA LYS E 154 -31.11 -12.61 29.10
C LYS E 154 -29.70 -12.30 28.63
N LYS E 155 -28.98 -13.30 28.12
CA LYS E 155 -27.64 -13.06 27.58
C LYS E 155 -27.70 -12.20 26.32
N ASP E 156 -28.78 -12.33 25.54
CA ASP E 156 -28.93 -11.54 24.33
C ASP E 156 -29.21 -10.09 24.65
N HIS E 157 -29.94 -9.81 25.74
CA HIS E 157 -30.19 -8.42 26.12
C HIS E 157 -28.89 -7.71 26.46
N LYS E 158 -27.93 -8.41 27.06
CA LYS E 158 -26.64 -7.80 27.37
C LYS E 158 -25.80 -7.61 26.12
N GLN E 159 -25.99 -8.45 25.10
CA GLN E 159 -25.21 -8.31 23.87
C GLN E 159 -25.61 -7.08 23.09
N LEU E 160 -26.90 -6.73 23.11
CA LEU E 160 -27.34 -5.49 22.47
C LEU E 160 -26.67 -4.28 23.11
N TRP E 161 -26.67 -4.22 24.44
CA TRP E 161 -26.06 -3.09 25.13
C TRP E 161 -24.55 -3.07 24.92
N MET E 162 -23.89 -4.22 25.01
CA MET E 162 -22.45 -4.29 24.77
C MET E 162 -22.11 -3.90 23.34
N GLY E 163 -22.97 -4.26 22.38
CA GLY E 163 -22.71 -3.90 21.01
C GLY E 163 -22.79 -2.41 20.76
N LEU E 164 -23.76 -1.74 21.40
CA LEU E 164 -23.87 -0.29 21.28
C LEU E 164 -22.74 0.39 22.04
N GLN E 165 -22.48 -0.04 23.27
CA GLN E 165 -21.46 0.61 24.10
C GLN E 165 -20.09 0.54 23.46
N ASN E 166 -19.73 -0.61 22.87
CA ASN E 166 -18.43 -0.78 22.24
C ASN E 166 -18.46 -0.41 20.75
N ASP E 167 -19.61 -0.01 20.23
CA ASP E 167 -19.74 0.41 18.83
C ASP E 167 -19.33 -0.73 17.88
N ARG E 168 -19.90 -1.90 18.10
CA ARG E 168 -19.69 -3.06 17.24
C ARG E 168 -20.99 -3.35 16.50
N PHE E 169 -20.99 -3.10 15.19
CA PHE E 169 -22.19 -3.31 14.36
C PHE E 169 -22.53 -4.78 14.28
N ASP E 170 -21.54 -5.62 13.94
CA ASP E 170 -21.75 -7.05 13.84
C ASP E 170 -22.39 -7.61 15.10
N GLN E 171 -21.82 -7.27 16.27
CA GLN E 171 -22.30 -7.85 17.52
C GLN E 171 -23.73 -7.40 17.82
N PHE E 172 -24.04 -6.13 17.58
CA PHE E 172 -25.38 -5.64 17.91
C PHE E 172 -26.43 -6.23 16.98
N TRP E 173 -26.23 -6.13 15.67
CA TRP E 173 -27.25 -6.55 14.72
C TRP E 173 -27.43 -8.06 14.65
N ALA E 174 -26.54 -8.84 15.26
CA ALA E 174 -26.78 -10.27 15.37
C ALA E 174 -28.08 -10.54 16.12
N ILE E 175 -28.27 -9.85 17.25
CA ILE E 175 -29.51 -9.98 18.01
C ILE E 175 -30.60 -9.08 17.43
N ASN E 176 -30.25 -7.86 17.04
CA ASN E 176 -31.25 -6.87 16.66
C ASN E 176 -31.98 -7.23 15.36
N ARG E 177 -31.43 -8.14 14.56
CA ARG E 177 -32.11 -8.49 13.31
C ARG E 177 -33.44 -9.19 13.58
N LYS E 178 -33.49 -10.04 14.62
CA LYS E 178 -34.71 -10.76 14.93
C LYS E 178 -35.86 -9.80 15.26
N LEU E 179 -35.54 -8.60 15.72
CA LEU E 179 -36.56 -7.60 16.05
C LEU E 179 -37.06 -6.85 14.82
N MET E 180 -36.37 -6.94 13.70
CA MET E 180 -36.80 -6.28 12.47
C MET E 180 -37.54 -7.21 11.53
N GLU E 181 -37.75 -8.46 11.93
CA GLU E 181 -38.48 -9.42 11.12
C GLU E 181 -39.89 -9.57 11.67
N TYR E 182 -40.84 -9.80 10.76
CA TYR E 182 -42.24 -9.94 11.11
C TYR E 182 -42.80 -11.20 10.49
N PRO E 183 -43.94 -11.68 10.98
CA PRO E 183 -44.50 -12.93 10.45
C PRO E 183 -44.74 -12.85 8.95
N ALA E 184 -44.73 -14.01 8.31
CA ALA E 184 -44.91 -14.07 6.86
C ALA E 184 -46.29 -13.57 6.47
N GLU E 185 -47.33 -14.12 7.11
CA GLU E 185 -48.70 -13.75 6.76
C GLU E 185 -48.90 -12.25 6.82
N GLU E 186 -48.32 -11.58 7.82
CA GLU E 186 -48.44 -10.13 7.93
C GLU E 186 -47.49 -9.45 6.95
N ASN E 187 -47.89 -8.25 6.50
CA ASN E 187 -47.09 -7.47 5.58
C ASN E 187 -46.21 -6.43 6.26
N GLY E 188 -46.22 -6.38 7.59
CA GLY E 188 -45.38 -5.43 8.30
C GLY E 188 -45.66 -5.48 9.80
N PHE E 189 -45.12 -4.48 10.49
CA PHE E 189 -45.30 -4.37 11.92
C PHE E 189 -46.74 -4.00 12.28
N ARG E 190 -47.12 -4.30 13.52
CA ARG E 190 -48.42 -3.86 14.02
C ARG E 190 -48.50 -2.34 14.10
N TYR E 191 -47.52 -1.73 14.77
CA TYR E 191 -47.38 -0.28 14.82
C TYR E 191 -45.91 0.07 14.65
N ILE E 192 -45.66 1.28 14.19
CA ILE E 192 -44.31 1.79 13.95
C ILE E 192 -43.89 2.60 15.17
N PRO E 193 -42.87 2.19 15.92
CA PRO E 193 -42.35 3.07 16.98
C PRO E 193 -41.69 4.30 16.38
N PHE E 194 -42.08 5.47 16.88
CA PHE E 194 -41.53 6.72 16.37
C PHE E 194 -41.73 7.82 17.41
N ARG E 195 -40.91 8.85 17.30
CA ARG E 195 -41.06 10.06 18.10
C ARG E 195 -40.72 11.25 17.21
N ILE E 196 -41.63 12.23 17.17
CA ILE E 196 -41.45 13.42 16.34
C ILE E 196 -41.12 14.59 17.26
N TYR E 197 -39.92 15.14 17.09
CA TYR E 197 -39.44 16.27 17.87
C TYR E 197 -39.57 17.54 17.02
N GLN E 198 -39.85 18.65 17.68
CA GLN E 198 -40.03 19.93 16.98
C GLN E 198 -39.45 21.07 17.79
N THR E 199 -38.65 21.91 17.14
CA THR E 199 -38.09 23.11 17.73
C THR E 199 -37.43 22.82 19.09
N THR E 200 -37.93 23.44 20.15
CA THR E 200 -37.34 23.27 21.47
C THR E 200 -37.26 21.80 21.85
N THR E 201 -36.18 21.41 22.50
CA THR E 201 -36.02 20.04 22.98
C THR E 201 -36.96 19.74 24.14
N GLU E 202 -37.37 20.76 24.90
CA GLU E 202 -38.26 20.55 26.04
C GLU E 202 -39.71 20.41 25.64
N ARG E 203 -40.05 20.65 24.38
CA ARG E 203 -41.43 20.45 23.93
C ARG E 203 -41.72 18.96 23.88
N PRO E 204 -42.93 18.54 24.26
CA PRO E 204 -43.24 17.09 24.28
C PRO E 204 -43.22 16.51 22.88
N PHE E 205 -42.53 15.38 22.73
CA PHE E 205 -42.48 14.72 21.43
C PHE E 205 -43.80 13.99 21.15
N ILE E 206 -44.07 13.81 19.86
CA ILE E 206 -45.33 13.22 19.41
C ILE E 206 -45.08 11.72 19.19
N GLN E 207 -45.72 10.90 20.01
CA GLN E 207 -45.73 9.44 19.84
C GLN E 207 -47.18 8.98 19.83
N LYS E 208 -47.59 8.34 18.74
CA LYS E 208 -48.97 7.88 18.59
C LYS E 208 -48.96 6.52 17.91
N LEU E 209 -50.16 5.97 17.72
CA LEU E 209 -50.33 4.67 17.09
C LEU E 209 -50.60 4.86 15.60
N PHE E 210 -49.73 4.30 14.76
CA PHE E 210 -49.86 4.40 13.32
C PHE E 210 -49.49 3.06 12.69
N ARG E 211 -50.40 2.52 11.82
CA ARG E 211 -50.06 1.24 11.20
C ARG E 211 -49.25 1.48 9.93
N PRO E 212 -48.26 0.62 9.62
CA PRO E 212 -47.54 0.79 8.35
C PRO E 212 -48.33 0.40 7.11
N VAL E 213 -49.38 -0.41 7.26
CA VAL E 213 -50.13 -0.93 6.11
C VAL E 213 -51.60 -0.54 6.27
N ALA E 214 -52.24 -0.27 5.14
CA ALA E 214 -53.66 0.01 5.13
C ALA E 214 -54.44 -1.31 5.00
N ALA E 215 -55.77 -1.21 4.98
CA ALA E 215 -56.60 -2.41 4.85
C ALA E 215 -56.37 -3.09 3.50
N ASP E 216 -56.25 -2.31 2.42
CA ASP E 216 -56.06 -2.88 1.10
C ASP E 216 -54.68 -3.47 0.88
N GLY E 217 -53.73 -3.24 1.80
CA GLY E 217 -52.40 -3.79 1.69
C GLY E 217 -51.32 -2.82 1.23
N GLN E 218 -51.69 -1.61 0.85
CA GLN E 218 -50.71 -0.64 0.39
C GLN E 218 -49.89 -0.12 1.55
N LEU E 219 -48.60 0.13 1.30
CA LEU E 219 -47.69 0.63 2.32
C LEU E 219 -47.95 2.11 2.59
N HIS E 220 -47.94 2.48 3.87
CA HIS E 220 -48.00 3.88 4.25
C HIS E 220 -46.62 4.51 4.08
N THR E 221 -46.61 5.77 3.65
CA THR E 221 -45.37 6.49 3.40
C THR E 221 -45.07 7.44 4.55
N LEU E 222 -43.93 8.12 4.45
CA LEU E 222 -43.54 9.08 5.47
C LEU E 222 -44.52 10.25 5.53
N GLY E 223 -45.07 10.65 4.39
CA GLY E 223 -46.06 11.71 4.39
C GLY E 223 -47.36 11.28 5.04
N ASP E 224 -47.76 10.03 4.84
CA ASP E 224 -48.98 9.53 5.46
C ASP E 224 -48.91 9.64 6.98
N LEU E 225 -47.75 9.31 7.56
CA LEU E 225 -47.58 9.45 9.01
C LEU E 225 -47.67 10.90 9.43
N LEU E 226 -46.90 11.78 8.78
CA LEU E 226 -46.88 13.18 9.17
C LEU E 226 -48.24 13.83 8.96
N LYS E 227 -48.84 13.62 7.80
CA LYS E 227 -50.17 14.16 7.54
C LYS E 227 -51.16 13.75 8.63
N GLU E 228 -50.89 12.63 9.30
CA GLU E 228 -51.79 12.16 10.35
C GLU E 228 -51.47 12.83 11.69
N VAL E 229 -50.30 12.53 12.25
CA VAL E 229 -49.98 12.99 13.60
C VAL E 229 -49.35 14.38 13.65
N CYS E 230 -48.87 14.90 12.51
CA CYS E 230 -48.21 16.21 12.47
C CYS E 230 -48.57 16.89 11.16
N PRO E 231 -49.84 17.27 10.98
CA PRO E 231 -50.28 17.80 9.68
C PRO E 231 -49.67 19.14 9.31
N SER E 232 -49.15 19.89 10.28
CA SER E 232 -48.65 21.23 10.02
C SER E 232 -47.24 21.25 9.45
N ALA E 233 -46.60 20.10 9.30
CA ALA E 233 -45.24 20.02 8.76
C ALA E 233 -45.19 19.90 7.24
N ILE E 234 -46.33 19.66 6.58
CA ILE E 234 -46.37 19.50 5.13
C ILE E 234 -46.85 20.76 4.41
N ASP E 235 -47.16 21.83 5.14
CA ASP E 235 -47.56 23.09 4.51
C ASP E 235 -46.68 23.45 3.33
N LYS E 242 -40.17 25.52 3.84
CA LYS E 242 -41.05 25.56 5.00
C LYS E 242 -40.39 24.93 6.22
N ASN E 243 -40.44 23.59 6.28
CA ASN E 243 -39.85 22.84 7.38
C ASN E 243 -39.04 21.68 6.82
N GLN E 244 -38.08 21.22 7.62
CA GLN E 244 -37.23 20.08 7.28
C GLN E 244 -37.63 18.89 8.12
N VAL E 245 -37.80 17.74 7.48
CA VAL E 245 -38.00 16.46 8.17
C VAL E 245 -36.68 15.72 8.11
N MET E 246 -36.00 15.62 9.25
CA MET E 246 -34.62 15.17 9.30
C MET E 246 -34.52 13.90 10.13
N ILE E 247 -33.91 12.86 9.55
CA ILE E 247 -33.66 11.60 10.24
C ILE E 247 -32.20 11.23 10.00
N HIS E 248 -31.44 11.11 11.10
CA HIS E 248 -30.02 10.77 11.02
C HIS E 248 -29.28 11.72 10.08
N GLY E 249 -29.69 12.99 10.08
CA GLY E 249 -28.99 14.01 9.34
C GLY E 249 -29.32 14.12 7.88
N ILE E 250 -30.31 13.37 7.38
CA ILE E 250 -30.70 13.46 5.98
C ILE E 250 -32.16 13.88 5.89
N GLU E 251 -32.66 14.07 4.66
CA GLU E 251 -33.99 14.59 4.40
C GLU E 251 -34.71 13.63 3.47
N PRO E 252 -35.30 12.57 4.01
CA PRO E 252 -35.94 11.57 3.14
C PRO E 252 -37.12 12.12 2.36
N MET E 253 -37.36 11.55 1.19
CA MET E 253 -38.55 11.87 0.42
C MET E 253 -39.79 11.48 1.21
N LEU E 254 -40.85 12.29 1.07
CA LEU E 254 -42.08 11.99 1.79
C LEU E 254 -42.74 10.71 1.31
N GLU E 255 -42.38 10.22 0.13
CA GLU E 255 -42.96 8.99 -0.40
C GLU E 255 -42.26 7.74 0.10
N THR E 256 -41.24 7.88 0.96
CA THR E 256 -40.54 6.70 1.47
C THR E 256 -41.50 5.83 2.27
N PRO E 257 -41.58 4.53 1.99
CA PRO E 257 -42.43 3.66 2.81
C PRO E 257 -42.00 3.68 4.27
N LEU E 258 -42.98 3.84 5.16
CA LEU E 258 -42.67 3.95 6.59
C LEU E 258 -42.11 2.64 7.13
N GLN E 259 -42.67 1.50 6.70
CA GLN E 259 -42.16 0.21 7.12
C GLN E 259 -40.66 0.10 6.86
N TRP E 260 -40.21 0.52 5.68
CA TRP E 260 -38.80 0.45 5.34
C TRP E 260 -37.97 1.32 6.29
N LEU E 261 -38.42 2.55 6.52
CA LEU E 261 -37.70 3.44 7.43
C LEU E 261 -37.56 2.82 8.82
N SER E 262 -38.63 2.20 9.32
CA SER E 262 -38.59 1.64 10.67
C SER E 262 -37.50 0.59 10.79
N GLU E 263 -37.32 -0.23 9.75
CA GLU E 263 -36.30 -1.27 9.81
C GLU E 263 -34.91 -0.68 9.73
N HIS E 264 -34.63 0.08 8.66
CA HIS E 264 -33.27 0.49 8.33
C HIS E 264 -32.82 1.77 9.04
N LEU E 265 -33.67 2.79 9.11
CA LEU E 265 -33.26 4.10 9.60
C LEU E 265 -33.56 4.32 11.08
N SER E 266 -34.04 3.31 11.79
CA SER E 266 -34.25 3.46 13.21
C SER E 266 -32.91 3.49 13.95
N TYR E 267 -32.95 4.02 15.16
CA TYR E 267 -31.81 4.02 16.06
C TYR E 267 -31.68 2.66 16.73
N PRO E 268 -30.54 2.40 17.38
CA PRO E 268 -30.37 1.10 18.06
C PRO E 268 -31.46 0.80 19.08
N ASP E 269 -32.20 1.80 19.54
CA ASP E 269 -33.32 1.58 20.45
C ASP E 269 -34.59 1.19 19.70
N ASN E 270 -34.51 0.99 18.39
CA ASN E 270 -35.63 0.58 17.55
C ASN E 270 -36.73 1.60 17.51
N PHE E 271 -36.41 2.85 17.82
CA PHE E 271 -37.32 3.97 17.65
C PHE E 271 -36.86 4.81 16.48
N LEU E 272 -37.83 5.37 15.76
CA LEU E 272 -37.55 6.27 14.65
C LEU E 272 -37.74 7.68 15.16
N HIS E 273 -36.63 8.40 15.35
CA HIS E 273 -36.65 9.74 15.92
C HIS E 273 -36.62 10.73 14.75
N ILE E 274 -37.70 11.47 14.59
CA ILE E 274 -37.87 12.41 13.49
C ILE E 274 -37.90 13.82 14.07
N SER E 275 -37.18 14.72 13.42
CA SER E 275 -37.08 16.10 13.85
C SER E 275 -37.72 17.02 12.81
N ILE E 276 -38.51 17.97 13.28
CA ILE E 276 -39.15 18.97 12.44
C ILE E 276 -38.51 20.31 12.78
N ILE E 277 -37.73 20.84 11.85
CA ILE E 277 -37.02 22.10 12.08
C ILE E 277 -37.26 23.03 10.89
N PRO E 278 -37.29 24.35 11.10
CA PRO E 278 -37.47 25.26 9.97
C PRO E 278 -36.26 25.23 9.05
N GLN E 279 -36.45 25.78 7.85
CA GLN E 279 -35.37 25.81 6.89
C GLN E 279 -34.20 26.63 7.44
N PRO E 280 -32.95 26.19 7.25
CA PRO E 280 -31.80 26.96 7.75
C PRO E 280 -31.72 28.36 7.15
N THR E 281 -30.68 29.09 7.54
CA THR E 281 -30.45 30.44 7.01
C THR E 281 -30.06 30.38 5.54
N ARG F 4 -33.62 -0.89 -7.26
CA ARG F 4 -33.28 0.34 -6.54
C ARG F 4 -34.25 1.46 -6.90
N PRO F 5 -35.33 1.61 -6.13
CA PRO F 5 -36.30 2.67 -6.42
C PRO F 5 -35.70 4.04 -6.25
N ARG F 6 -36.48 5.06 -6.63
CA ARG F 6 -36.00 6.43 -6.56
C ARG F 6 -35.74 6.85 -5.12
N TRP F 7 -36.71 6.62 -4.23
CA TRP F 7 -36.56 7.03 -2.84
C TRP F 7 -35.45 6.27 -2.13
N LYS F 8 -35.21 5.00 -2.51
CA LYS F 8 -34.12 4.24 -1.90
C LYS F 8 -32.77 4.76 -2.36
N ARG F 9 -32.61 4.95 -3.67
CA ARG F 9 -31.37 5.51 -4.18
C ARG F 9 -31.09 6.88 -3.56
N HIS F 10 -32.13 7.68 -3.36
CA HIS F 10 -31.95 9.00 -2.78
C HIS F 10 -31.40 8.92 -1.35
N ILE F 11 -31.87 7.95 -0.58
CA ILE F 11 -31.43 7.83 0.81
C ILE F 11 -29.96 7.40 0.87
N SER F 12 -29.55 6.50 -0.03
CA SER F 12 -28.15 6.09 -0.06
C SER F 12 -27.25 7.26 -0.45
N GLU F 13 -27.69 8.07 -1.41
CA GLU F 13 -26.91 9.22 -1.82
C GLU F 13 -26.80 10.25 -0.70
N GLN F 14 -27.92 10.58 -0.08
CA GLN F 14 -27.90 11.60 0.98
C GLN F 14 -27.01 11.17 2.14
N LEU F 15 -26.99 9.88 2.46
CA LEU F 15 -26.15 9.42 3.57
C LEU F 15 -24.67 9.56 3.23
N ARG F 16 -24.28 9.29 1.99
CA ARG F 16 -22.88 9.44 1.62
C ARG F 16 -22.46 10.91 1.66
N ARG F 17 -23.34 11.81 1.22
CA ARG F 17 -23.04 13.24 1.29
C ARG F 17 -22.91 13.70 2.74
N ARG F 18 -23.77 13.20 3.62
CA ARG F 18 -23.68 13.54 5.03
C ARG F 18 -22.31 13.16 5.61
N ASP F 19 -21.84 11.95 5.29
CA ASP F 19 -20.56 11.50 5.83
C ASP F 19 -19.40 12.29 5.24
N ARG F 20 -19.56 12.84 4.03
CA ARG F 20 -18.48 13.60 3.41
C ARG F 20 -18.33 14.98 4.04
N LEU F 21 -19.45 15.62 4.40
CA LEU F 21 -19.39 16.95 5.00
C LEU F 21 -19.06 16.92 6.49
N GLN F 22 -19.40 15.84 7.19
CA GLN F 22 -19.28 15.79 8.64
C GLN F 22 -18.12 14.91 9.08
N ARG F 23 -18.23 13.59 8.94
CA ARG F 23 -17.19 12.70 9.42
C ARG F 23 -15.94 12.79 8.55
N GLN F 24 -16.09 12.60 7.24
CA GLN F 24 -14.93 12.50 6.36
C GLN F 24 -14.09 13.78 6.40
N ALA F 25 -14.70 14.91 6.71
CA ALA F 25 -13.99 16.18 6.73
C ALA F 25 -13.11 16.31 7.97
N PHE F 26 -13.66 16.01 9.14
CA PHE F 26 -12.97 16.26 10.41
C PHE F 26 -12.27 15.05 10.98
N GLU F 27 -12.37 13.88 10.35
CA GLU F 27 -11.85 12.67 10.97
C GLU F 27 -10.34 12.75 11.17
N GLU F 28 -9.61 13.18 10.13
CA GLU F 28 -8.15 13.18 10.21
C GLU F 28 -7.61 14.34 11.03
N ILE F 29 -8.21 15.52 10.91
CA ILE F 29 -7.70 16.68 11.64
C ILE F 29 -7.89 16.48 13.14
N ILE F 30 -9.03 15.93 13.55
CA ILE F 30 -9.26 15.65 14.97
C ILE F 30 -8.26 14.62 15.47
N LEU F 31 -7.97 13.60 14.65
CA LEU F 31 -6.96 12.62 15.01
C LEU F 31 -5.62 13.28 15.25
N GLN F 32 -5.15 14.08 14.29
CA GLN F 32 -3.87 14.76 14.45
C GLN F 32 -3.87 15.71 15.64
N TYR F 33 -5.01 16.36 15.89
CA TYR F 33 -5.09 17.27 17.03
C TYR F 33 -4.96 16.50 18.34
N ASN F 34 -5.82 15.51 18.56
CA ASN F 34 -5.77 14.75 19.80
C ASN F 34 -4.43 14.02 19.95
N LYS F 35 -3.84 13.61 18.83
CA LYS F 35 -2.50 13.02 18.87
C LYS F 35 -1.46 14.07 19.23
N LEU F 36 -1.62 15.29 18.69
CA LEU F 36 -0.71 16.37 19.03
C LEU F 36 -0.92 16.84 20.46
N LEU F 37 -2.17 16.83 20.93
CA LEU F 37 -2.46 17.22 22.30
C LEU F 37 -1.75 16.29 23.28
N GLU F 38 -1.96 14.98 23.14
CA GLU F 38 -1.35 14.02 24.06
C GLU F 38 0.16 14.18 24.10
N LYS F 39 0.78 14.47 22.94
CA LYS F 39 2.21 14.69 22.90
C LYS F 39 2.60 15.92 23.71
N SER F 40 1.84 17.01 23.54
CA SER F 40 2.09 18.26 24.24
C SER F 40 1.45 18.32 25.62
N ASP F 41 0.84 17.22 26.07
CA ASP F 41 0.13 17.21 27.34
C ASP F 41 1.06 17.07 28.53
N LEU F 42 2.37 16.96 28.30
CA LEU F 42 3.34 16.91 29.39
C LEU F 42 3.75 18.32 29.80
N MET G 8 47.67 -32.13 -18.00
CA MET G 8 48.06 -31.78 -19.39
C MET G 8 46.83 -31.67 -20.29
N THR G 9 45.67 -31.44 -19.67
CA THR G 9 44.42 -31.31 -20.39
C THR G 9 43.99 -29.85 -20.39
N ASP G 10 43.64 -29.34 -21.56
CA ASP G 10 43.22 -27.95 -21.70
C ASP G 10 41.87 -27.73 -21.01
N ASP G 11 41.57 -26.47 -20.72
CA ASP G 11 40.37 -26.09 -19.96
C ASP G 11 40.41 -26.71 -18.57
N LYS G 12 41.55 -26.54 -17.90
CA LYS G 12 41.71 -27.09 -16.56
C LYS G 12 40.69 -26.52 -15.58
N ASP G 13 40.19 -25.31 -15.82
CA ASP G 13 39.19 -24.74 -14.94
C ASP G 13 37.87 -25.49 -15.02
N VAL G 14 37.51 -25.99 -16.22
CA VAL G 14 36.30 -26.78 -16.35
C VAL G 14 36.46 -28.10 -15.60
N LEU G 15 37.63 -28.71 -15.70
CA LEU G 15 37.88 -29.97 -15.00
C LEU G 15 37.69 -29.79 -13.50
N ARG G 16 38.11 -28.64 -12.97
CA ARG G 16 38.00 -28.39 -11.53
C ARG G 16 36.57 -28.01 -11.15
N ASP G 17 35.89 -27.20 -11.96
CA ASP G 17 34.51 -26.85 -11.67
C ASP G 17 33.63 -28.09 -11.62
N VAL G 18 33.87 -29.05 -12.52
CA VAL G 18 33.11 -30.29 -12.50
C VAL G 18 33.51 -31.14 -11.31
N TRP G 19 34.81 -31.19 -11.00
CA TRP G 19 35.28 -32.03 -9.91
C TRP G 19 34.73 -31.55 -8.57
N PHE G 20 34.66 -30.24 -8.38
CA PHE G 20 34.28 -29.66 -7.10
C PHE G 20 32.78 -29.40 -6.98
N GLY G 21 31.98 -29.82 -7.96
CA GLY G 21 30.54 -29.64 -7.85
C GLY G 21 30.01 -30.32 -6.60
N ARG G 22 29.10 -29.62 -5.91
CA ARG G 22 28.52 -30.11 -4.67
C ARG G 22 27.00 -30.08 -4.74
N ILE G 23 26.37 -31.01 -4.04
CA ILE G 23 24.93 -31.11 -3.93
C ILE G 23 24.54 -30.98 -2.47
N PRO G 24 23.77 -29.96 -2.06
CA PRO G 24 23.29 -29.90 -0.67
C PRO G 24 22.30 -31.01 -0.38
N THR G 25 22.51 -31.70 0.74
CA THR G 25 21.75 -32.89 1.07
C THR G 25 21.35 -32.87 2.53
N CYS G 26 20.15 -33.40 2.80
CA CYS G 26 19.61 -33.50 4.14
C CYS G 26 19.40 -34.98 4.45
N PHE G 27 20.14 -35.49 5.42
CA PHE G 27 20.00 -36.88 5.86
C PHE G 27 19.12 -36.88 7.10
N THR G 28 17.94 -37.49 6.97
CA THR G 28 17.00 -37.60 8.07
C THR G 28 16.82 -39.08 8.37
N LEU G 29 16.85 -39.43 9.65
CA LEU G 29 16.71 -40.82 10.04
C LEU G 29 15.27 -41.28 9.86
N TYR G 30 15.11 -42.49 9.32
CA TYR G 30 13.78 -43.04 9.13
C TYR G 30 13.02 -43.04 10.45
N GLN G 31 11.73 -42.74 10.38
CA GLN G 31 10.97 -42.47 11.60
C GLN G 31 10.75 -43.72 12.43
N ASP G 32 10.72 -44.89 11.80
CA ASP G 32 10.58 -46.14 12.55
C ASP G 32 11.86 -46.59 13.23
N GLU G 33 13.00 -46.01 12.86
CA GLU G 33 14.26 -46.38 13.51
C GLU G 33 14.23 -45.98 14.97
N ILE G 34 14.68 -46.90 15.82
CA ILE G 34 14.63 -46.73 17.26
C ILE G 34 15.91 -46.03 17.71
N THR G 35 15.76 -44.95 18.47
CA THR G 35 16.89 -44.14 18.91
C THR G 35 16.85 -43.98 20.42
N GLU G 36 18.02 -43.73 21.00
CA GLU G 36 18.13 -43.49 22.43
C GLU G 36 17.70 -42.06 22.80
N ARG G 37 17.93 -41.10 21.90
CA ARG G 37 17.56 -39.71 22.11
C ARG G 37 17.09 -39.13 20.78
N GLU G 38 16.70 -37.86 20.80
CA GLU G 38 16.26 -37.20 19.58
C GLU G 38 17.44 -37.05 18.61
N ALA G 39 17.19 -37.36 17.35
CA ALA G 39 18.22 -37.32 16.30
C ALA G 39 17.92 -36.15 15.37
N GLU G 40 18.78 -35.13 15.41
CA GLU G 40 18.61 -34.01 14.50
C GLU G 40 19.11 -34.38 13.11
N PRO G 41 18.52 -33.80 12.06
CA PRO G 41 19.00 -34.10 10.70
C PRO G 41 20.43 -33.64 10.50
N TYR G 42 21.14 -34.33 9.63
CA TYR G 42 22.54 -34.03 9.32
C TYR G 42 22.60 -33.44 7.92
N TYR G 43 22.98 -32.17 7.84
CA TYR G 43 23.10 -31.49 6.56
C TYR G 43 24.53 -31.59 6.06
N LEU G 44 24.67 -31.90 4.77
CA LEU G 44 25.98 -32.17 4.19
C LEU G 44 25.98 -31.80 2.72
N LEU G 45 27.13 -31.33 2.24
CA LEU G 45 27.36 -31.08 0.82
C LEU G 45 28.03 -32.30 0.23
N LEU G 46 27.32 -33.00 -0.71
CA LEU G 46 27.85 -34.23 -1.29
C LEU G 46 28.60 -33.92 -2.59
N PRO G 47 29.78 -34.50 -2.81
CA PRO G 47 30.45 -34.33 -4.11
C PRO G 47 29.67 -34.98 -5.23
N ARG G 48 29.46 -34.23 -6.32
CA ARG G 48 28.72 -34.77 -7.45
C ARG G 48 29.42 -35.96 -8.08
N VAL G 49 30.76 -36.00 -8.03
CA VAL G 49 31.50 -37.02 -8.76
C VAL G 49 31.80 -38.28 -7.95
N SER G 50 31.52 -38.28 -6.65
CA SER G 50 31.83 -39.44 -5.81
C SER G 50 30.61 -40.35 -5.70
N TYR G 51 30.67 -41.31 -4.78
CA TYR G 51 29.62 -42.29 -4.57
C TYR G 51 29.10 -42.20 -3.14
N LEU G 52 27.84 -42.60 -2.95
CA LEU G 52 27.20 -42.45 -1.65
C LEU G 52 27.95 -43.19 -0.55
N THR G 53 28.20 -44.48 -0.73
CA THR G 53 28.85 -45.26 0.30
C THR G 53 30.22 -44.68 0.68
N LEU G 54 30.83 -43.91 -0.21
CA LEU G 54 32.18 -43.40 0.04
C LEU G 54 32.17 -42.20 0.98
N VAL G 55 31.30 -41.23 0.72
CA VAL G 55 31.37 -39.93 1.40
C VAL G 55 30.42 -39.82 2.58
N THR G 56 29.67 -40.87 2.89
CA THR G 56 28.62 -40.80 3.91
C THR G 56 29.09 -41.25 5.29
N ASP G 57 30.38 -41.55 5.46
CA ASP G 57 30.88 -42.00 6.75
C ASP G 57 30.50 -41.03 7.87
N LYS G 58 30.51 -39.73 7.57
CA LYS G 58 30.11 -38.74 8.57
C LYS G 58 28.66 -38.91 8.96
N VAL G 59 27.81 -39.34 8.02
CA VAL G 59 26.40 -39.59 8.31
C VAL G 59 26.28 -40.78 9.26
N LYS G 60 26.98 -41.87 8.94
CA LYS G 60 26.92 -43.06 9.79
C LYS G 60 27.36 -42.75 11.21
N LYS G 61 28.45 -42.01 11.37
CA LYS G 61 28.92 -41.67 12.70
C LYS G 61 27.93 -40.77 13.44
N HIS G 62 27.26 -39.87 12.72
CA HIS G 62 26.31 -38.97 13.38
C HIS G 62 25.13 -39.74 13.96
N PHE G 63 24.50 -40.60 13.15
CA PHE G 63 23.31 -41.31 13.60
C PHE G 63 23.63 -42.50 14.49
N GLN G 64 24.86 -43.01 14.44
CA GLN G 64 25.23 -44.12 15.32
C GLN G 64 25.49 -43.67 16.74
N LYS G 65 25.74 -42.38 16.97
CA LYS G 65 25.95 -41.91 18.33
C LYS G 65 24.67 -41.99 19.14
N VAL G 66 23.51 -41.85 18.50
CA VAL G 66 22.23 -41.85 19.20
C VAL G 66 21.53 -43.20 19.17
N MET G 67 22.13 -44.22 18.58
CA MET G 67 21.51 -45.53 18.46
C MET G 67 22.36 -46.63 19.10
N ARG G 68 21.67 -47.71 19.48
CA ARG G 68 22.33 -48.92 19.95
C ARG G 68 22.67 -49.80 18.75
N GLN G 69 23.82 -50.47 18.82
CA GLN G 69 24.27 -51.31 17.71
C GLN G 69 23.21 -52.35 17.35
N SER G 73 25.22 -50.92 10.91
CA SER G 73 24.40 -52.10 10.70
C SER G 73 23.86 -52.13 9.27
N GLU G 74 24.77 -52.04 8.29
CA GLU G 74 24.42 -52.03 6.88
C GLU G 74 23.45 -50.88 6.57
N ILE G 75 23.99 -49.68 6.69
CA ILE G 75 23.22 -48.46 6.41
C ILE G 75 22.87 -48.41 4.93
N TRP G 76 21.67 -47.93 4.63
CA TRP G 76 21.27 -47.69 3.25
C TRP G 76 20.38 -46.46 3.17
N PHE G 77 20.30 -45.90 1.96
CA PHE G 77 19.63 -44.64 1.71
C PHE G 77 18.47 -44.85 0.74
N GLU G 78 17.50 -43.94 0.81
CA GLU G 78 16.31 -44.02 -0.04
C GLU G 78 15.83 -42.60 -0.34
N TYR G 79 15.26 -42.43 -1.53
CA TYR G 79 14.65 -41.17 -1.94
C TYR G 79 13.27 -41.47 -2.48
N GLU G 80 12.25 -40.86 -1.87
CA GLU G 80 10.86 -41.03 -2.29
C GLU G 80 10.47 -42.51 -2.30
N GLY G 81 10.80 -43.20 -1.22
CA GLY G 81 10.45 -44.59 -1.06
C GLY G 81 11.25 -45.58 -1.89
N THR G 82 12.17 -45.10 -2.72
CA THR G 82 12.99 -45.95 -3.57
C THR G 82 14.42 -45.97 -3.05
N PRO G 83 15.00 -47.14 -2.79
CA PRO G 83 16.41 -47.18 -2.34
C PRO G 83 17.35 -46.66 -3.42
N LEU G 84 18.32 -45.86 -2.98
CA LEU G 84 19.29 -45.25 -3.91
C LEU G 84 20.42 -46.23 -4.21
N LYS G 85 20.69 -46.42 -5.50
CA LYS G 85 21.76 -47.32 -5.91
C LYS G 85 23.10 -46.65 -5.66
N TRP G 86 23.95 -47.30 -4.87
CA TRP G 86 25.18 -46.69 -4.40
C TRP G 86 26.34 -46.79 -5.39
N HIS G 87 26.17 -47.51 -6.49
CA HIS G 87 27.21 -47.62 -7.51
C HIS G 87 27.06 -46.58 -8.61
N TYR G 88 25.96 -45.76 -8.60
CA TYR G 88 25.81 -44.61 -9.48
C TYR G 88 26.38 -43.36 -8.82
N PRO G 89 27.03 -42.46 -9.57
CA PRO G 89 27.57 -41.24 -8.94
C PRO G 89 26.49 -40.37 -8.33
N ILE G 90 26.85 -39.69 -7.24
CA ILE G 90 25.89 -38.86 -6.51
C ILE G 90 25.28 -37.80 -7.43
N GLY G 91 26.12 -37.09 -8.18
CA GLY G 91 25.60 -36.06 -9.07
C GLY G 91 24.56 -36.60 -10.04
N LEU G 92 24.79 -37.80 -10.56
CA LEU G 92 23.85 -38.41 -11.48
C LEU G 92 22.52 -38.71 -10.79
N LEU G 93 22.59 -39.33 -9.60
CA LEU G 93 21.37 -39.67 -8.87
C LEU G 93 20.51 -38.43 -8.65
N PHE G 94 21.13 -37.31 -8.31
CA PHE G 94 20.37 -36.08 -8.08
C PHE G 94 19.78 -35.55 -9.38
N ASP G 95 20.62 -35.38 -10.41
CA ASP G 95 20.10 -34.91 -11.70
C ASP G 95 18.92 -35.74 -12.16
N LEU G 96 19.00 -37.06 -11.98
CA LEU G 96 18.00 -37.97 -12.53
C LEU G 96 16.73 -38.02 -11.68
N LEU G 97 16.85 -37.87 -10.36
CA LEU G 97 15.74 -38.10 -9.45
C LEU G 97 15.22 -36.81 -8.83
N ALA G 98 16.04 -36.12 -8.03
CA ALA G 98 15.58 -35.01 -7.22
C ALA G 98 15.78 -33.64 -7.88
N SER G 99 16.30 -33.58 -9.10
CA SER G 99 16.65 -32.30 -9.70
C SER G 99 15.42 -31.39 -9.84
N SER G 100 14.24 -31.96 -10.08
CA SER G 100 13.06 -31.15 -10.33
C SER G 100 12.42 -30.63 -9.04
N SER G 101 12.78 -31.16 -7.89
CA SER G 101 12.20 -30.73 -6.62
C SER G 101 13.06 -29.64 -6.00
N ALA G 102 12.61 -29.11 -4.87
CA ALA G 102 13.33 -28.04 -4.19
C ALA G 102 14.45 -28.61 -3.34
N LEU G 103 15.57 -27.88 -3.31
CA LEU G 103 16.69 -28.24 -2.46
C LEU G 103 16.29 -28.06 -0.98
N PRO G 104 17.04 -28.69 -0.06
CA PRO G 104 18.11 -29.66 -0.31
C PRO G 104 17.58 -31.03 -0.69
N TRP G 105 18.44 -31.87 -1.27
CA TRP G 105 18.09 -33.25 -1.53
C TRP G 105 17.75 -33.94 -0.23
N ASN G 106 16.56 -34.53 -0.16
CA ASN G 106 16.09 -35.15 1.08
C ASN G 106 16.27 -36.66 0.95
N ILE G 107 17.24 -37.19 1.69
CA ILE G 107 17.55 -38.62 1.73
C ILE G 107 17.20 -39.16 3.11
N THR G 108 16.53 -40.30 3.15
CA THR G 108 16.16 -40.95 4.39
C THR G 108 17.17 -42.05 4.69
N VAL G 109 17.64 -42.10 5.93
CA VAL G 109 18.64 -43.06 6.37
C VAL G 109 17.95 -44.24 7.04
N HIS G 110 18.26 -45.44 6.58
CA HIS G 110 17.73 -46.69 7.13
C HIS G 110 18.88 -47.54 7.64
N PHE G 111 18.81 -47.96 8.90
CA PHE G 111 19.74 -48.94 9.45
C PHE G 111 19.17 -50.35 9.52
N LYS G 112 17.90 -50.55 9.14
CA LYS G 112 17.25 -51.84 9.34
C LYS G 112 16.38 -52.17 8.12
N SER G 113 16.06 -53.46 8.00
CA SER G 113 15.21 -53.97 6.93
C SER G 113 15.80 -53.63 5.56
N PHE G 114 16.95 -54.23 5.30
CA PHE G 114 17.64 -54.00 4.04
C PHE G 114 16.82 -54.58 2.88
N PRO G 115 16.54 -53.70 1.68
CA PRO G 115 15.78 -54.20 0.51
C PRO G 115 16.61 -55.13 -0.38
N GLU G 116 16.64 -56.41 0.02
CA GLU G 116 17.46 -57.41 -0.67
C GLU G 116 17.21 -57.42 -2.17
N LYS G 117 15.97 -57.16 -2.60
CA LYS G 117 15.63 -57.29 -4.01
C LYS G 117 16.17 -56.14 -4.84
N ASP G 118 16.07 -54.91 -4.34
CA ASP G 118 16.35 -53.72 -5.13
C ASP G 118 17.76 -53.16 -4.93
N LEU G 119 18.57 -53.73 -4.05
CA LEU G 119 19.86 -53.13 -3.73
C LEU G 119 20.95 -54.18 -3.64
N LEU G 120 22.18 -53.72 -3.84
CA LEU G 120 23.38 -54.50 -3.61
C LEU G 120 23.99 -54.06 -2.28
N HIS G 121 24.35 -55.03 -1.44
CA HIS G 121 25.03 -54.71 -0.19
C HIS G 121 26.41 -54.14 -0.48
N CYS G 122 26.74 -53.01 0.13
CA CYS G 122 28.09 -52.50 0.03
C CYS G 122 28.89 -53.04 1.22
N PRO G 123 29.72 -54.07 1.03
CA PRO G 123 30.42 -54.63 2.20
C PRO G 123 31.49 -53.70 2.76
N SER G 124 32.30 -53.09 1.89
CA SER G 124 33.49 -52.37 2.32
C SER G 124 33.87 -51.38 1.24
N LYS G 125 34.78 -50.47 1.60
CA LYS G 125 35.32 -49.53 0.62
C LYS G 125 35.99 -50.25 -0.54
N ASP G 126 36.57 -51.43 -0.26
CA ASP G 126 37.21 -52.21 -1.32
C ASP G 126 36.21 -52.56 -2.42
N ALA G 127 34.97 -52.88 -2.03
CA ALA G 127 33.94 -53.17 -3.02
C ALA G 127 33.66 -51.95 -3.90
N ILE G 128 33.86 -50.75 -3.35
CA ILE G 128 33.68 -49.54 -4.15
C ILE G 128 34.85 -49.37 -5.12
N GLU G 129 36.08 -49.56 -4.63
CA GLU G 129 37.24 -49.45 -5.48
C GLU G 129 37.19 -50.44 -6.64
N ALA G 130 36.69 -51.65 -6.37
CA ALA G 130 36.57 -52.66 -7.43
C ALA G 130 35.63 -52.17 -8.53
N HIS G 131 34.46 -51.67 -8.14
CA HIS G 131 33.51 -51.17 -9.13
C HIS G 131 34.07 -49.97 -9.88
N PHE G 132 34.75 -49.08 -9.17
CA PHE G 132 35.27 -47.87 -9.80
C PHE G 132 36.29 -48.22 -10.89
N MET G 133 37.31 -49.01 -10.54
CA MET G 133 38.32 -49.37 -11.53
C MET G 133 37.72 -50.15 -12.69
N SER G 134 36.72 -50.99 -12.41
CA SER G 134 36.03 -51.69 -13.49
C SER G 134 35.44 -50.71 -14.50
N CYS G 135 34.79 -49.65 -13.99
CA CYS G 135 34.24 -48.65 -14.90
C CYS G 135 35.34 -47.94 -15.67
N MET G 136 36.49 -47.72 -15.03
CA MET G 136 37.62 -47.12 -15.73
C MET G 136 38.17 -48.05 -16.80
N LYS G 137 38.42 -49.31 -16.44
CA LYS G 137 38.90 -50.27 -17.42
C LYS G 137 37.94 -50.39 -18.59
N GLU G 138 36.63 -50.46 -18.30
CA GLU G 138 35.64 -50.53 -19.35
C GLU G 138 35.67 -49.29 -20.24
N ALA G 139 35.98 -48.13 -19.67
CA ALA G 139 36.07 -46.91 -20.44
C ALA G 139 37.29 -46.93 -21.36
N ASP G 140 38.45 -47.30 -20.81
CA ASP G 140 39.66 -47.35 -21.62
C ASP G 140 39.57 -48.42 -22.70
N ALA G 141 38.69 -49.40 -22.56
CA ALA G 141 38.48 -50.37 -23.62
C ALA G 141 37.76 -49.75 -24.82
N LEU G 142 36.86 -48.79 -24.56
CA LEU G 142 36.15 -48.14 -25.66
C LEU G 142 36.99 -47.10 -26.37
N LYS G 143 37.98 -46.52 -25.70
CA LYS G 143 38.79 -45.45 -26.31
C LYS G 143 40.06 -46.03 -26.93
N HIS G 144 40.97 -46.52 -26.09
CA HIS G 144 42.28 -46.97 -26.53
C HIS G 144 42.39 -48.49 -26.68
N LYS G 145 41.30 -49.23 -26.49
CA LYS G 145 41.35 -50.70 -26.46
C LYS G 145 42.17 -51.19 -25.27
N SER G 146 42.02 -50.51 -24.13
CA SER G 146 42.72 -50.87 -22.91
C SER G 146 44.24 -50.78 -23.05
N GLN G 147 44.71 -50.00 -24.03
CA GLN G 147 46.15 -49.88 -24.24
C GLN G 147 46.78 -48.95 -23.22
N VAL G 148 46.07 -47.90 -22.83
CA VAL G 148 46.60 -46.93 -21.88
C VAL G 148 46.51 -47.45 -20.46
N ILE G 149 45.43 -48.13 -20.12
CA ILE G 149 45.23 -48.60 -18.75
C ILE G 149 46.10 -49.82 -18.46
N ASN G 150 46.37 -50.65 -19.46
CA ASN G 150 47.19 -51.83 -19.24
C ASN G 150 48.67 -51.49 -19.10
N GLU G 151 49.12 -50.38 -19.70
CA GLU G 151 50.52 -50.00 -19.61
C GLU G 151 50.84 -49.23 -18.33
N MET G 152 49.86 -49.00 -17.47
CA MET G 152 50.09 -48.34 -16.20
C MET G 152 50.49 -49.36 -15.14
N GLN G 153 51.45 -48.98 -14.31
CA GLN G 153 51.83 -49.84 -13.19
C GLN G 153 50.69 -49.91 -12.17
N LYS G 154 50.71 -50.97 -11.37
CA LYS G 154 49.71 -51.11 -10.31
C LYS G 154 49.69 -49.89 -9.41
N LYS G 155 50.83 -49.20 -9.28
CA LYS G 155 50.90 -47.99 -8.45
C LYS G 155 50.05 -46.87 -9.03
N ASP G 156 49.95 -46.78 -10.35
CA ASP G 156 49.17 -45.72 -10.97
C ASP G 156 47.68 -45.93 -10.77
N HIS G 157 47.23 -47.19 -10.79
CA HIS G 157 45.81 -47.48 -10.56
C HIS G 157 45.40 -47.10 -9.14
N LYS G 158 46.30 -47.24 -8.17
CA LYS G 158 45.97 -46.89 -6.79
C LYS G 158 45.89 -45.37 -6.61
N GLN G 159 46.63 -44.61 -7.42
CA GLN G 159 46.59 -43.17 -7.30
C GLN G 159 45.26 -42.60 -7.79
N LEU G 160 44.67 -43.21 -8.81
CA LEU G 160 43.34 -42.78 -9.25
C LEU G 160 42.31 -42.95 -8.15
N TRP G 161 42.30 -44.12 -7.50
CA TRP G 161 41.34 -44.37 -6.42
C TRP G 161 41.62 -43.45 -5.23
N MET G 162 42.89 -43.33 -4.84
CA MET G 162 43.23 -42.47 -3.71
C MET G 162 42.85 -41.02 -4.01
N GLY G 163 42.96 -40.60 -5.27
CA GLY G 163 42.57 -39.25 -5.62
C GLY G 163 41.07 -39.03 -5.49
N LEU G 164 40.28 -40.03 -5.88
CA LEU G 164 38.84 -39.93 -5.73
C LEU G 164 38.44 -40.03 -4.26
N GLN G 165 39.01 -40.99 -3.53
CA GLN G 165 38.62 -41.21 -2.14
C GLN G 165 38.91 -39.96 -1.30
N ASN G 166 40.06 -39.34 -1.50
CA ASN G 166 40.46 -38.17 -0.72
C ASN G 166 40.04 -36.84 -1.36
N ASP G 167 39.38 -36.86 -2.51
CA ASP G 167 38.91 -35.63 -3.16
C ASP G 167 40.10 -34.70 -3.45
N ARG G 168 40.95 -35.17 -4.35
CA ARG G 168 42.18 -34.47 -4.73
C ARG G 168 42.20 -34.38 -6.25
N PHE G 169 42.11 -33.15 -6.77
CA PHE G 169 42.05 -32.97 -8.23
C PHE G 169 43.41 -33.22 -8.86
N ASP G 170 44.46 -32.64 -8.30
CA ASP G 170 45.78 -32.76 -8.90
C ASP G 170 46.29 -34.19 -8.84
N GLN G 171 46.07 -34.88 -7.70
CA GLN G 171 46.51 -36.26 -7.57
C GLN G 171 45.81 -37.16 -8.58
N PHE G 172 44.50 -36.98 -8.74
CA PHE G 172 43.74 -37.84 -9.64
C PHE G 172 44.09 -37.56 -11.09
N TRP G 173 44.02 -36.29 -11.52
CA TRP G 173 44.24 -35.96 -12.91
C TRP G 173 45.69 -36.12 -13.34
N ALA G 174 46.62 -36.32 -12.41
CA ALA G 174 47.99 -36.64 -12.79
C ALA G 174 48.01 -37.93 -13.61
N ILE G 175 47.31 -38.96 -13.14
CA ILE G 175 47.21 -40.20 -13.90
C ILE G 175 46.12 -40.10 -14.96
N ASN G 176 44.98 -39.50 -14.62
CA ASN G 176 43.81 -39.55 -15.50
C ASN G 176 44.01 -38.77 -16.79
N ARG G 177 45.02 -37.89 -16.86
CA ARG G 177 45.23 -37.15 -18.10
C ARG G 177 45.65 -38.07 -19.23
N LYS G 178 46.51 -39.05 -18.95
CA LYS G 178 46.93 -40.00 -19.96
C LYS G 178 45.75 -40.73 -20.59
N LEU G 179 44.62 -40.82 -19.89
CA LEU G 179 43.44 -41.49 -20.41
C LEU G 179 42.60 -40.60 -21.31
N MET G 180 42.85 -39.29 -21.32
CA MET G 180 42.10 -38.35 -22.15
C MET G 180 42.81 -37.99 -23.45
N GLU G 181 43.97 -38.58 -23.74
CA GLU G 181 44.69 -38.31 -24.97
C GLU G 181 44.52 -39.45 -25.96
N TYR G 182 44.49 -39.11 -27.24
CA TYR G 182 44.31 -40.07 -28.32
C TYR G 182 45.38 -39.86 -29.38
N PRO G 183 45.59 -40.84 -30.26
CA PRO G 183 46.63 -40.70 -31.29
C PRO G 183 46.41 -39.47 -32.15
N ALA G 184 47.52 -38.96 -32.72
CA ALA G 184 47.47 -37.73 -33.50
C ALA G 184 46.66 -37.91 -34.78
N GLU G 185 46.97 -38.95 -35.57
CA GLU G 185 46.29 -39.13 -36.86
C GLU G 185 44.78 -39.15 -36.70
N GLU G 186 44.29 -39.77 -35.62
CA GLU G 186 42.87 -39.81 -35.35
C GLU G 186 42.43 -38.47 -34.77
N ASN G 187 41.16 -38.15 -34.98
CA ASN G 187 40.59 -36.89 -34.50
C ASN G 187 39.95 -37.01 -33.12
N GLY G 188 40.03 -38.18 -32.49
CA GLY G 188 39.45 -38.36 -31.17
C GLY G 188 39.59 -39.79 -30.72
N PHE G 189 38.84 -40.13 -29.68
CA PHE G 189 38.86 -41.49 -29.16
C PHE G 189 38.26 -42.45 -30.17
N ARG G 190 38.58 -43.73 -30.00
CA ARG G 190 38.00 -44.76 -30.85
C ARG G 190 36.48 -44.79 -30.68
N TYR G 191 36.01 -44.88 -29.43
CA TYR G 191 34.60 -44.76 -29.10
C TYR G 191 34.47 -43.93 -27.83
N ILE G 192 33.31 -43.33 -27.65
CA ILE G 192 33.03 -42.46 -26.50
C ILE G 192 32.31 -43.29 -25.45
N PRO G 193 32.90 -43.49 -24.27
CA PRO G 193 32.13 -44.15 -23.18
C PRO G 193 31.01 -43.24 -22.69
N PHE G 194 29.81 -43.80 -22.61
CA PHE G 194 28.66 -43.02 -22.17
C PHE G 194 27.57 -43.95 -21.67
N ARG G 195 26.68 -43.40 -20.85
CA ARG G 195 25.45 -44.06 -20.46
C ARG G 195 24.37 -43.01 -20.38
N ILE G 196 23.23 -43.26 -21.04
CA ILE G 196 22.11 -42.33 -21.05
C ILE G 196 21.02 -42.91 -20.16
N TYR G 197 20.70 -42.20 -19.09
CA TYR G 197 19.68 -42.62 -18.14
C TYR G 197 18.38 -41.87 -18.40
N GLN G 198 17.26 -42.56 -18.23
CA GLN G 198 15.95 -41.96 -18.40
C GLN G 198 14.99 -42.61 -17.41
N THR G 199 14.14 -41.78 -16.79
CA THR G 199 13.21 -42.29 -15.78
C THR G 199 11.94 -42.87 -16.40
N THR G 200 11.66 -42.57 -17.67
CA THR G 200 10.46 -43.05 -18.34
C THR G 200 10.70 -44.33 -19.13
N THR G 201 11.90 -44.88 -19.10
CA THR G 201 12.20 -46.12 -19.83
C THR G 201 13.01 -47.06 -18.96
N GLN G 207 23.78 -47.94 -23.35
CA GLN G 207 25.17 -47.89 -23.83
C GLN G 207 25.30 -48.58 -25.19
N LYS G 208 25.79 -47.84 -26.17
CA LYS G 208 25.98 -48.33 -27.52
C LYS G 208 27.29 -47.78 -28.06
N LEU G 209 27.63 -48.14 -29.30
CA LEU G 209 28.87 -47.72 -29.92
C LEU G 209 28.65 -46.43 -30.71
N PHE G 210 29.38 -45.38 -30.34
CA PHE G 210 29.31 -44.11 -31.03
C PHE G 210 30.71 -43.54 -31.15
N ARG G 211 31.10 -43.17 -32.37
CA ARG G 211 32.42 -42.60 -32.62
C ARG G 211 32.38 -41.08 -32.46
N PRO G 212 33.47 -40.47 -32.01
CA PRO G 212 33.50 -39.01 -31.92
C PRO G 212 33.53 -38.33 -33.28
N VAL G 213 33.89 -39.05 -34.34
CA VAL G 213 34.05 -38.49 -35.67
C VAL G 213 33.10 -39.19 -36.63
N ALA G 214 32.59 -38.43 -37.60
CA ALA G 214 31.73 -38.97 -38.63
C ALA G 214 32.57 -39.51 -39.78
N ALA G 215 31.90 -40.04 -40.80
CA ALA G 215 32.60 -40.56 -41.97
C ALA G 215 33.36 -39.46 -42.70
N ASP G 216 32.75 -38.28 -42.82
CA ASP G 216 33.39 -37.17 -43.51
C ASP G 216 34.55 -36.56 -42.73
N GLY G 217 34.71 -36.92 -41.45
CA GLY G 217 35.79 -36.41 -40.63
C GLY G 217 35.37 -35.33 -39.65
N GLN G 218 34.15 -34.83 -39.75
CA GLN G 218 33.68 -33.80 -38.83
C GLN G 218 33.37 -34.41 -37.47
N LEU G 219 33.59 -33.62 -36.42
CA LEU G 219 33.37 -34.10 -35.06
C LEU G 219 31.88 -34.25 -34.79
N HIS G 220 31.53 -35.34 -34.09
CA HIS G 220 30.16 -35.55 -33.65
C HIS G 220 29.86 -34.67 -32.43
N THR G 221 28.65 -34.15 -32.38
CA THR G 221 28.21 -33.28 -31.30
C THR G 221 27.31 -34.05 -30.34
N LEU G 222 26.87 -33.34 -29.29
CA LEU G 222 25.97 -33.96 -28.32
C LEU G 222 24.63 -34.32 -28.95
N GLY G 223 24.18 -33.51 -29.91
CA GLY G 223 22.94 -33.83 -30.60
C GLY G 223 23.08 -35.04 -31.51
N ASP G 224 24.23 -35.19 -32.15
CA ASP G 224 24.46 -36.35 -33.01
C ASP G 224 24.34 -37.64 -32.23
N LEU G 225 24.86 -37.67 -31.00
CA LEU G 225 24.72 -38.87 -30.17
C LEU G 225 23.26 -39.16 -29.86
N LEU G 226 22.54 -38.15 -29.38
CA LEU G 226 21.14 -38.34 -29.01
C LEU G 226 20.30 -38.68 -30.23
N LYS G 227 20.48 -37.95 -31.33
CA LYS G 227 19.73 -38.23 -32.55
C LYS G 227 19.84 -39.69 -32.97
N GLU G 228 20.93 -40.35 -32.60
CA GLU G 228 21.14 -41.76 -32.94
C GLU G 228 20.46 -42.66 -31.92
N VAL G 229 20.96 -42.64 -30.67
CA VAL G 229 20.51 -43.58 -29.64
C VAL G 229 19.29 -43.09 -28.87
N CYS G 230 18.93 -41.81 -28.97
CA CYS G 230 17.80 -41.26 -28.23
C CYS G 230 17.06 -40.25 -29.10
N PRO G 231 16.46 -40.72 -30.20
CA PRO G 231 15.82 -39.77 -31.13
C PRO G 231 14.58 -39.11 -30.56
N SER G 232 13.95 -39.69 -29.55
CA SER G 232 12.70 -39.16 -29.03
C SER G 232 12.90 -38.03 -28.03
N ALA G 233 14.14 -37.73 -27.66
CA ALA G 233 14.42 -36.64 -26.73
C ALA G 233 14.64 -35.31 -27.44
N ILE G 234 14.75 -35.31 -28.76
CA ILE G 234 14.98 -34.11 -29.55
C ILE G 234 13.66 -33.76 -30.23
N ASP G 235 13.01 -32.70 -29.77
CA ASP G 235 11.79 -32.22 -30.38
C ASP G 235 12.07 -31.02 -31.29
N LYS G 242 11.01 -30.42 -25.65
CA LYS G 242 10.22 -30.48 -24.43
C LYS G 242 10.87 -31.41 -23.40
N ASN G 243 12.19 -31.57 -23.52
CA ASN G 243 12.95 -32.43 -22.63
C ASN G 243 14.23 -31.72 -22.22
N GLN G 244 14.77 -32.13 -21.08
CA GLN G 244 16.03 -31.59 -20.57
C GLN G 244 17.13 -32.64 -20.74
N VAL G 245 18.25 -32.23 -21.33
CA VAL G 245 19.45 -33.04 -21.40
C VAL G 245 20.42 -32.49 -20.37
N MET G 246 20.66 -33.24 -19.30
CA MET G 246 21.37 -32.73 -18.14
C MET G 246 22.64 -33.52 -17.90
N ILE G 247 23.76 -32.82 -17.81
CA ILE G 247 25.06 -33.40 -17.50
C ILE G 247 25.69 -32.55 -16.41
N HIS G 248 26.00 -33.18 -15.27
CA HIS G 248 26.59 -32.48 -14.13
C HIS G 248 25.74 -31.26 -13.74
N GLY G 249 24.43 -31.38 -13.88
CA GLY G 249 23.52 -30.34 -13.44
C GLY G 249 23.34 -29.19 -14.39
N ILE G 250 23.93 -29.23 -15.58
CA ILE G 250 23.77 -28.18 -16.57
C ILE G 250 23.19 -28.78 -17.85
N GLU G 251 22.92 -27.95 -18.85
CA GLU G 251 22.28 -28.36 -20.09
C GLU G 251 23.12 -27.86 -21.25
N PRO G 252 24.15 -28.61 -21.64
CA PRO G 252 25.04 -28.13 -22.72
C PRO G 252 24.31 -27.98 -24.04
N MET G 253 24.79 -27.05 -24.85
CA MET G 253 24.26 -26.88 -26.20
C MET G 253 24.43 -28.16 -27.01
N LEU G 254 23.44 -28.44 -27.86
CA LEU G 254 23.49 -29.64 -28.69
C LEU G 254 24.63 -29.61 -29.70
N GLU G 255 25.18 -28.44 -30.00
CA GLU G 255 26.29 -28.34 -30.94
C GLU G 255 27.63 -28.60 -30.28
N THR G 256 27.66 -28.88 -28.99
CA THR G 256 28.91 -29.11 -28.30
C THR G 256 29.62 -30.32 -28.89
N PRO G 257 30.91 -30.22 -29.24
CA PRO G 257 31.62 -31.39 -29.74
C PRO G 257 31.60 -32.51 -28.72
N LEU G 258 31.26 -33.72 -29.17
CA LEU G 258 31.15 -34.85 -28.26
C LEU G 258 32.52 -35.24 -27.71
N GLN G 259 33.56 -35.21 -28.55
CA GLN G 259 34.90 -35.51 -28.07
C GLN G 259 35.28 -34.60 -26.90
N TRP G 260 34.99 -33.31 -27.02
CA TRP G 260 35.31 -32.38 -25.94
C TRP G 260 34.56 -32.73 -24.67
N LEU G 261 33.26 -33.02 -24.78
CA LEU G 261 32.50 -33.41 -23.60
C LEU G 261 33.12 -34.63 -22.93
N SER G 262 33.51 -35.63 -23.72
CA SER G 262 34.07 -36.85 -23.16
C SER G 262 35.30 -36.55 -22.31
N GLU G 263 36.14 -35.63 -22.78
CA GLU G 263 37.35 -35.31 -22.03
C GLU G 263 37.02 -34.55 -20.75
N HIS G 264 36.35 -33.41 -20.88
CA HIS G 264 36.20 -32.48 -19.78
C HIS G 264 35.03 -32.79 -18.84
N LEU G 265 33.87 -33.16 -19.38
CA LEU G 265 32.66 -33.31 -18.58
C LEU G 265 32.41 -34.74 -18.11
N SER G 266 33.32 -35.67 -18.37
CA SER G 266 33.15 -37.02 -17.87
C SER G 266 33.34 -37.07 -16.35
N TYR G 267 32.82 -38.13 -15.75
CA TYR G 267 33.02 -38.42 -14.34
C TYR G 267 34.39 -39.08 -14.14
N PRO G 268 34.85 -39.17 -12.89
CA PRO G 268 36.16 -39.79 -12.62
C PRO G 268 36.30 -41.19 -13.19
N ASP G 269 35.19 -41.85 -13.49
CA ASP G 269 35.22 -43.16 -14.13
C ASP G 269 35.37 -43.06 -15.64
N ASN G 270 35.57 -41.85 -16.17
CA ASN G 270 35.75 -41.60 -17.59
C ASN G 270 34.52 -41.96 -18.41
N PHE G 271 33.36 -42.00 -17.76
CA PHE G 271 32.09 -42.19 -18.43
C PHE G 271 31.32 -40.88 -18.46
N LEU G 272 30.57 -40.67 -19.54
CA LEU G 272 29.72 -39.49 -19.69
C LEU G 272 28.30 -39.91 -19.34
N HIS G 273 27.83 -39.48 -18.18
CA HIS G 273 26.51 -39.84 -17.68
C HIS G 273 25.54 -38.72 -18.02
N ILE G 274 24.58 -39.00 -18.89
CA ILE G 274 23.62 -38.02 -19.35
C ILE G 274 22.24 -38.41 -18.84
N SER G 275 21.50 -37.41 -18.34
CA SER G 275 20.16 -37.62 -17.81
C SER G 275 19.15 -36.92 -18.70
N ILE G 276 18.06 -37.61 -19.01
CA ILE G 276 16.96 -37.07 -19.78
C ILE G 276 15.76 -37.00 -18.85
N ILE G 277 15.37 -35.78 -18.48
CA ILE G 277 14.27 -35.59 -17.53
C ILE G 277 13.28 -34.58 -18.10
N PRO G 278 11.98 -34.70 -17.81
CA PRO G 278 11.03 -33.71 -18.31
C PRO G 278 11.25 -32.34 -17.67
N GLN G 279 10.71 -31.33 -18.33
CA GLN G 279 10.80 -29.98 -17.81
C GLN G 279 10.05 -29.89 -16.49
N PRO G 280 10.56 -29.14 -15.50
CA PRO G 280 9.86 -29.05 -14.21
C PRO G 280 8.44 -28.55 -14.36
N THR G 281 7.58 -29.00 -13.45
CA THR G 281 6.17 -28.63 -13.50
C THR G 281 5.98 -27.13 -13.36
N ASP G 282 6.48 -26.55 -12.27
CA ASP G 282 6.35 -25.12 -12.04
C ASP G 282 7.54 -24.37 -12.63
N GLY H 2 43.99 -17.87 -29.54
CA GLY H 2 42.63 -18.36 -29.72
C GLY H 2 41.65 -17.73 -28.75
N GLY H 3 40.41 -18.23 -28.78
CA GLY H 3 39.38 -17.73 -27.89
C GLY H 3 38.35 -18.81 -27.63
N ARG H 4 37.63 -18.64 -26.53
CA ARG H 4 36.64 -19.64 -26.13
C ARG H 4 35.36 -19.47 -26.97
N PRO H 5 34.95 -20.48 -27.73
CA PRO H 5 33.72 -20.35 -28.51
C PRO H 5 32.49 -20.21 -27.62
N ARG H 6 31.35 -19.97 -28.25
CA ARG H 6 30.12 -19.72 -27.50
C ARG H 6 29.73 -20.93 -26.65
N TRP H 7 29.76 -22.13 -27.25
CA TRP H 7 29.32 -23.31 -26.51
C TRP H 7 30.22 -23.59 -25.31
N LYS H 8 31.51 -23.29 -25.43
CA LYS H 8 32.42 -23.48 -24.30
C LYS H 8 32.16 -22.41 -23.23
N ARG H 9 32.03 -21.16 -23.65
CA ARG H 9 31.70 -20.10 -22.71
C ARG H 9 30.39 -20.40 -21.98
N HIS H 10 29.42 -20.98 -22.70
CA HIS H 10 28.14 -21.31 -22.09
C HIS H 10 28.29 -22.36 -20.99
N ILE H 11 29.14 -23.36 -21.22
CA ILE H 11 29.32 -24.42 -20.24
C ILE H 11 30.03 -23.87 -19.00
N SER H 12 30.98 -22.96 -19.18
CA SER H 12 31.67 -22.37 -18.05
C SER H 12 30.71 -21.52 -17.21
N GLU H 13 29.82 -20.77 -17.87
CA GLU H 13 28.84 -19.98 -17.13
C GLU H 13 27.84 -20.89 -16.41
N GLN H 14 27.30 -21.88 -17.12
CA GLN H 14 26.30 -22.75 -16.53
C GLN H 14 26.84 -23.46 -15.29
N LEU H 15 28.12 -23.85 -15.31
CA LEU H 15 28.69 -24.48 -14.13
C LEU H 15 28.82 -23.49 -12.98
N ARG H 16 29.24 -22.26 -13.29
CA ARG H 16 29.33 -21.22 -12.25
C ARG H 16 27.94 -20.82 -11.77
N ARG H 17 26.97 -20.74 -12.69
CA ARG H 17 25.59 -20.46 -12.28
C ARG H 17 25.06 -21.61 -11.42
N ARG H 18 25.38 -22.85 -11.79
CA ARG H 18 24.99 -23.99 -10.97
C ARG H 18 25.58 -23.87 -9.56
N ASP H 19 26.84 -23.45 -9.46
CA ASP H 19 27.48 -23.33 -8.16
C ASP H 19 26.87 -22.22 -7.32
N ARG H 20 26.16 -21.26 -7.94
CA ARG H 20 25.47 -20.25 -7.15
C ARG H 20 24.16 -20.76 -6.59
N LEU H 21 23.40 -21.52 -7.40
CA LEU H 21 22.07 -21.94 -7.00
C LEU H 21 22.09 -23.14 -6.06
N GLN H 22 23.13 -23.98 -6.14
CA GLN H 22 23.21 -25.21 -5.36
C GLN H 22 24.26 -25.11 -4.25
N ARG H 23 25.53 -24.91 -4.63
CA ARG H 23 26.63 -24.97 -3.66
C ARG H 23 26.67 -23.71 -2.79
N GLN H 24 27.00 -22.57 -3.39
CA GLN H 24 27.25 -21.35 -2.62
C GLN H 24 26.09 -20.97 -1.72
N ALA H 25 24.86 -21.41 -2.04
CA ALA H 25 23.71 -21.01 -1.25
C ALA H 25 23.71 -21.67 0.13
N PHE H 26 23.97 -22.98 0.17
CA PHE H 26 23.87 -23.75 1.41
C PHE H 26 25.20 -23.94 2.13
N GLU H 27 26.31 -23.46 1.56
CA GLU H 27 27.62 -23.76 2.15
C GLU H 27 27.74 -23.22 3.56
N GLU H 28 27.34 -21.95 3.77
CA GLU H 28 27.56 -21.32 5.06
C GLU H 28 26.52 -21.76 6.10
N ILE H 29 25.27 -21.91 5.69
CA ILE H 29 24.22 -22.24 6.64
C ILE H 29 24.45 -23.64 7.24
N ILE H 30 24.87 -24.60 6.41
CA ILE H 30 25.17 -25.93 6.92
C ILE H 30 26.33 -25.87 7.90
N LEU H 31 27.36 -25.08 7.59
CA LEU H 31 28.47 -24.90 8.52
C LEU H 31 27.96 -24.33 9.84
N GLN H 32 27.19 -23.25 9.78
CA GLN H 32 26.65 -22.65 10.99
C GLN H 32 25.74 -23.62 11.73
N TYR H 33 25.00 -24.44 10.99
CA TYR H 33 24.13 -25.43 11.63
C TYR H 33 24.97 -26.47 12.38
N ASN H 34 25.91 -27.11 11.69
CA ASN H 34 26.74 -28.11 12.34
C ASN H 34 27.56 -27.51 13.48
N LYS H 35 27.80 -26.20 13.46
CA LYS H 35 28.48 -25.55 14.57
C LYS H 35 27.58 -25.52 15.80
N LEU H 36 26.33 -25.08 15.64
CA LEU H 36 25.37 -25.13 16.74
C LEU H 36 25.07 -26.56 17.15
N LEU H 37 25.06 -27.49 16.19
CA LEU H 37 24.80 -28.89 16.50
C LEU H 37 25.82 -29.43 17.48
N GLU H 38 27.11 -29.22 17.19
CA GLU H 38 28.16 -29.76 18.06
C GLU H 38 27.97 -29.33 19.51
N LYS H 39 27.48 -28.10 19.72
CA LYS H 39 27.20 -27.65 21.08
C LYS H 39 26.10 -28.47 21.74
N SER H 40 25.23 -29.09 20.94
CA SER H 40 24.18 -29.93 21.50
C SER H 40 24.71 -31.30 21.92
N ASP H 41 25.61 -31.89 21.12
CA ASP H 41 26.13 -33.21 21.43
C ASP H 41 26.98 -33.23 22.71
N LEU H 42 27.56 -32.09 23.08
CA LEU H 42 28.38 -32.03 24.29
C LEU H 42 27.54 -31.64 25.50
#